data_8EFU
#
_entry.id   8EFU
#
_cell.length_a   1.00
_cell.length_b   1.00
_cell.length_c   1.00
_cell.angle_alpha   90.00
_cell.angle_beta   90.00
_cell.angle_gamma   90.00
#
_symmetry.space_group_name_H-M   'P 1'
#
_entity_poly.entity_id   1
_entity_poly.type   'polypeptide(L)'
_entity_poly.pdbx_seq_one_letter_code
;MANLGYWLLALFVTMWTDVGLCKKRPKPGGWNTGGSRYPGQGSPGGNRYPPQGGTWGQPHGGGWGQPHGGSWGQPHGGSW
GQPHGGGWGQGGGTHNQWNKPSKPKTNLKHVAGAAAAGAVVGGLGGYMLGSAMSRPMIHFGNDWEDRYYRENMYRYPNQV
YYRPVDQYSNQNNFVHDCVNITIKQHTVTTTTKGENFTETDVKMMERVVEQMCVTQYQKESQAYYDGRRSS
;
_entity_poly.pdbx_strand_id   A,B,C,D,E
#
# COMPACT_ATOMS: atom_id res chain seq x y z
N THR A 94 -13.52 -47.53 -30.21
CA THR A 94 -13.87 -46.32 -30.93
C THR A 94 -14.05 -45.15 -29.97
N HIS A 95 -13.31 -44.07 -30.21
CA HIS A 95 -13.36 -42.87 -29.38
C HIS A 95 -13.49 -41.66 -30.28
N ASN A 96 -14.46 -40.80 -29.98
CA ASN A 96 -14.68 -39.56 -30.72
C ASN A 96 -14.68 -38.39 -29.74
N GLN A 97 -13.95 -37.34 -30.08
CA GLN A 97 -13.85 -36.15 -29.26
C GLN A 97 -14.10 -34.92 -30.12
N TRP A 98 -15.17 -34.19 -29.83
CA TRP A 98 -15.55 -33.00 -30.56
C TRP A 98 -15.36 -31.78 -29.66
N ASN A 99 -14.61 -30.79 -30.12
CA ASN A 99 -14.31 -29.59 -29.36
C ASN A 99 -14.50 -28.38 -30.26
N LYS A 100 -15.58 -27.63 -30.05
CA LYS A 100 -15.87 -26.42 -30.82
C LYS A 100 -16.29 -25.30 -29.87
N PRO A 101 -15.35 -24.75 -29.11
CA PRO A 101 -15.67 -23.56 -28.31
C PRO A 101 -15.89 -22.36 -29.21
N SER A 102 -16.73 -21.44 -28.74
CA SER A 102 -17.06 -20.23 -29.47
C SER A 102 -16.80 -19.02 -28.58
N LYS A 103 -15.82 -18.21 -28.98
CA LYS A 103 -15.45 -16.99 -28.25
C LYS A 103 -15.23 -17.22 -26.76
N PRO A 104 -14.25 -18.06 -26.37
CA PRO A 104 -13.92 -18.21 -24.95
C PRO A 104 -13.06 -17.06 -24.47
N LYS A 105 -13.67 -16.16 -23.69
CA LYS A 105 -12.99 -15.00 -23.15
C LYS A 105 -12.63 -15.28 -21.70
N THR A 106 -11.35 -15.53 -21.45
CA THR A 106 -10.85 -15.83 -20.11
C THR A 106 -9.98 -14.68 -19.65
N ASN A 107 -10.36 -14.06 -18.53
CA ASN A 107 -9.63 -12.96 -17.93
C ASN A 107 -9.12 -13.37 -16.56
N LEU A 108 -7.83 -13.12 -16.31
CA LEU A 108 -7.20 -13.50 -15.06
C LEU A 108 -6.26 -12.38 -14.65
N LYS A 109 -6.64 -11.63 -13.61
CA LYS A 109 -5.85 -10.47 -13.18
C LYS A 109 -4.79 -10.86 -12.15
N HIS A 110 -5.22 -11.41 -11.01
CA HIS A 110 -4.30 -11.87 -9.97
C HIS A 110 -4.76 -13.25 -9.54
N VAL A 111 -4.12 -14.28 -10.07
CA VAL A 111 -4.62 -15.65 -9.89
C VAL A 111 -4.03 -16.26 -8.63
N ALA A 112 -2.72 -16.47 -8.62
CA ALA A 112 -2.02 -17.09 -7.50
C ALA A 112 -0.69 -16.39 -7.25
N GLY A 113 -0.66 -15.07 -7.45
CA GLY A 113 0.56 -14.32 -7.27
C GLY A 113 0.74 -13.81 -5.86
N ALA A 114 1.72 -14.36 -5.14
CA ALA A 114 2.03 -13.89 -3.79
C ALA A 114 2.78 -12.56 -3.92
N ALA A 115 2.00 -11.49 -4.05
CA ALA A 115 2.52 -10.16 -4.31
C ALA A 115 2.41 -9.31 -3.04
N ALA A 116 3.54 -8.75 -2.62
CA ALA A 116 3.59 -7.84 -1.46
C ALA A 116 3.65 -6.43 -1.99
N ALA A 117 2.51 -5.74 -1.99
CA ALA A 117 2.40 -4.36 -2.47
C ALA A 117 1.88 -3.51 -1.32
N GLY A 118 2.79 -3.04 -0.48
CA GLY A 118 2.42 -2.22 0.66
C GLY A 118 3.60 -1.41 1.13
N ALA A 119 3.30 -0.28 1.76
CA ALA A 119 4.32 0.63 2.27
C ALA A 119 4.64 0.28 3.72
N VAL A 120 5.93 0.07 3.99
CA VAL A 120 6.41 -0.25 5.33
C VAL A 120 7.24 0.93 5.80
N VAL A 121 6.59 1.86 6.50
CA VAL A 121 7.29 3.01 7.07
C VAL A 121 8.03 2.66 8.35
N GLY A 122 7.54 1.70 9.12
CA GLY A 122 8.23 1.26 10.31
C GLY A 122 9.28 0.23 10.00
N GLY A 123 9.33 -0.86 10.77
CA GLY A 123 10.32 -1.89 10.52
C GLY A 123 10.30 -2.97 11.58
N LEU A 124 11.28 -3.87 11.51
CA LEU A 124 11.43 -4.97 12.45
C LEU A 124 10.24 -5.94 12.38
N GLY A 125 9.61 -5.96 11.21
CA GLY A 125 8.46 -6.82 11.00
C GLY A 125 8.55 -7.66 9.74
N GLY A 126 8.37 -8.97 9.87
CA GLY A 126 8.35 -9.85 8.72
C GLY A 126 7.14 -9.59 7.83
N TYR A 127 7.39 -9.04 6.65
CA TYR A 127 6.31 -8.67 5.73
C TYR A 127 6.18 -9.73 4.63
N MET A 128 5.00 -10.32 4.54
CA MET A 128 4.67 -11.31 3.50
C MET A 128 5.67 -12.47 3.54
N LEU A 129 5.66 -13.19 4.66
CA LEU A 129 6.51 -14.36 4.80
C LEU A 129 5.94 -15.60 4.14
N GLY A 130 4.66 -15.58 3.76
CA GLY A 130 4.05 -16.73 3.13
C GLY A 130 4.28 -16.78 1.64
N SER A 131 3.88 -17.90 1.05
CA SER A 131 4.03 -18.14 -0.39
C SER A 131 2.66 -18.41 -1.01
N ALA A 132 2.66 -18.83 -2.25
CA ALA A 132 1.43 -19.17 -2.98
C ALA A 132 1.65 -20.53 -3.64
N MET A 133 0.90 -21.54 -3.18
CA MET A 133 1.02 -22.91 -3.66
C MET A 133 -0.35 -23.49 -3.98
N SER A 134 -1.17 -22.71 -4.68
CA SER A 134 -2.52 -23.12 -5.00
C SER A 134 -2.58 -23.78 -6.37
N ARG A 135 -3.72 -24.39 -6.67
CA ARG A 135 -3.99 -25.03 -7.96
C ARG A 135 -5.35 -24.57 -8.47
N PRO A 136 -5.44 -23.34 -8.98
CA PRO A 136 -6.72 -22.88 -9.53
C PRO A 136 -7.05 -23.56 -10.84
N MET A 137 -7.50 -24.80 -10.76
CA MET A 137 -7.77 -25.59 -11.96
C MET A 137 -9.05 -25.13 -12.63
N ILE A 138 -8.99 -24.96 -13.94
CA ILE A 138 -10.15 -24.65 -14.77
C ILE A 138 -10.17 -25.63 -15.94
N HIS A 139 -11.28 -26.34 -16.11
CA HIS A 139 -11.43 -27.31 -17.18
C HIS A 139 -12.68 -26.96 -18.00
N PHE A 140 -12.51 -26.96 -19.33
CA PHE A 140 -13.61 -26.67 -20.23
C PHE A 140 -13.73 -27.64 -21.40
N GLY A 141 -12.69 -28.42 -21.71
CA GLY A 141 -12.74 -29.34 -22.82
C GLY A 141 -13.07 -30.76 -22.39
N ASN A 142 -13.09 -31.65 -23.37
CA ASN A 142 -13.39 -33.05 -23.13
C ASN A 142 -12.21 -33.74 -22.46
N ASP A 143 -12.51 -34.69 -21.58
CA ASP A 143 -11.50 -35.44 -20.85
C ASP A 143 -11.81 -36.93 -20.94
N TRP A 144 -10.77 -37.75 -20.93
CA TRP A 144 -10.92 -39.20 -20.97
C TRP A 144 -9.64 -39.82 -20.44
N GLU A 145 -9.74 -40.53 -19.32
CA GLU A 145 -8.59 -41.13 -18.66
C GLU A 145 -8.96 -42.51 -18.14
N ASP A 146 -7.96 -43.34 -17.92
CA ASP A 146 -8.21 -44.71 -17.49
C ASP A 146 -6.96 -45.31 -16.87
N ARG A 147 -7.14 -45.99 -15.72
CA ARG A 147 -6.12 -46.84 -15.12
C ARG A 147 -4.83 -46.09 -14.84
N TYR A 148 -4.95 -44.94 -14.18
CA TYR A 148 -3.78 -44.09 -13.96
C TYR A 148 -3.56 -43.85 -12.46
N TYR A 149 -2.52 -43.07 -12.19
CA TYR A 149 -2.07 -42.74 -10.83
C TYR A 149 -1.69 -41.26 -10.86
N ARG A 150 -2.66 -40.39 -10.56
CA ARG A 150 -2.46 -38.96 -10.81
C ARG A 150 -1.53 -38.33 -9.78
N GLU A 151 -1.93 -38.34 -8.51
CA GLU A 151 -1.17 -37.69 -7.45
C GLU A 151 -1.17 -38.57 -6.21
N ASN A 152 -0.12 -38.42 -5.39
CA ASN A 152 0.02 -39.21 -4.18
C ASN A 152 1.12 -38.61 -3.33
N MET A 153 1.00 -38.79 -2.01
CA MET A 153 2.02 -38.38 -1.05
C MET A 153 2.35 -36.90 -1.16
N TYR A 154 1.33 -36.09 -1.44
CA TYR A 154 1.52 -34.65 -1.50
C TYR A 154 1.73 -34.09 -0.09
N ARG A 155 2.67 -33.16 0.02
CA ARG A 155 3.00 -32.54 1.31
C ARG A 155 3.18 -31.05 1.08
N TYR A 156 2.25 -30.26 1.59
CA TYR A 156 2.29 -28.79 1.49
C TYR A 156 2.08 -28.17 2.86
N PRO A 157 3.02 -28.39 3.80
CA PRO A 157 2.87 -27.76 5.12
C PRO A 157 3.42 -26.35 5.12
N ASN A 158 2.58 -25.39 5.53
CA ASN A 158 3.01 -24.00 5.67
C ASN A 158 3.62 -23.84 7.05
N GLN A 159 4.91 -24.18 7.15
CA GLN A 159 5.64 -24.16 8.42
C GLN A 159 6.39 -22.84 8.52
N VAL A 160 5.92 -21.97 9.41
CA VAL A 160 6.53 -20.67 9.65
C VAL A 160 7.09 -20.64 11.06
N TYR A 161 8.37 -20.35 11.19
CA TYR A 161 9.06 -20.30 12.48
C TYR A 161 9.44 -18.84 12.74
N TYR A 162 8.72 -18.20 13.66
CA TYR A 162 8.92 -16.80 13.99
C TYR A 162 9.61 -16.72 15.35
N ARG A 163 10.92 -16.49 15.34
CA ARG A 163 11.72 -16.41 16.56
C ARG A 163 12.62 -15.19 16.54
N PRO A 164 12.07 -13.98 16.63
CA PRO A 164 12.91 -12.80 16.81
C PRO A 164 13.38 -12.70 18.26
N VAL A 165 14.69 -12.59 18.46
CA VAL A 165 15.24 -12.63 19.81
C VAL A 165 15.15 -11.26 20.47
N ASP A 166 15.82 -10.26 19.89
CA ASP A 166 15.79 -8.90 20.41
C ASP A 166 15.35 -7.96 19.30
N GLN A 167 14.37 -7.11 19.59
CA GLN A 167 13.85 -6.14 18.63
C GLN A 167 13.53 -4.86 19.37
N TYR A 168 14.17 -3.77 18.97
CA TYR A 168 14.01 -2.47 19.63
C TYR A 168 13.62 -1.42 18.62
N SER A 169 12.55 -0.68 18.93
CA SER A 169 12.09 0.45 18.12
C SER A 169 11.80 1.59 19.08
N ASN A 170 12.74 2.52 19.20
CA ASN A 170 12.70 3.54 20.24
C ASN A 170 12.85 4.93 19.63
N GLN A 171 12.16 5.90 20.23
CA GLN A 171 12.32 7.32 19.91
C GLN A 171 12.10 7.60 18.43
N ASN A 172 11.03 7.01 17.88
CA ASN A 172 10.75 7.08 16.46
C ASN A 172 9.53 7.97 16.21
N ASN A 173 9.62 8.78 15.15
CA ASN A 173 8.53 9.63 14.70
C ASN A 173 8.22 9.29 13.24
N PHE A 174 7.13 8.58 13.00
CA PHE A 174 6.79 8.08 11.68
C PHE A 174 5.51 8.76 11.19
N VAL A 175 5.56 9.28 9.96
CA VAL A 175 4.42 9.89 9.30
C VAL A 175 4.32 9.29 7.91
N HIS A 176 3.11 8.89 7.50
CA HIS A 176 2.95 8.20 6.22
C HIS A 176 2.53 9.14 5.09
N ASP A 177 1.35 9.77 5.19
CA ASP A 177 0.78 10.40 4.02
C ASP A 177 0.26 11.80 4.33
N CYS A 178 0.34 12.66 3.31
CA CYS A 178 -0.37 13.93 3.24
C CYS A 178 -1.21 13.92 1.97
N VAL A 179 -2.43 14.45 2.06
CA VAL A 179 -3.33 14.49 0.91
C VAL A 179 -4.07 15.82 0.90
N ASN A 180 -3.89 16.60 -0.17
CA ASN A 180 -4.71 17.77 -0.49
C ASN A 180 -4.76 18.75 0.68
N ILE A 181 -3.60 19.33 0.97
CA ILE A 181 -3.46 20.35 2.00
C ILE A 181 -3.34 21.69 1.27
N THR A 182 -4.43 22.45 1.25
CA THR A 182 -4.46 23.72 0.53
C THR A 182 -4.91 24.84 1.45
N ILE A 183 -4.43 26.05 1.15
CA ILE A 183 -4.90 27.28 1.77
C ILE A 183 -5.27 28.23 0.64
N LYS A 184 -6.56 28.56 0.56
CA LYS A 184 -7.09 29.32 -0.57
C LYS A 184 -7.62 30.66 -0.09
N GLN A 185 -7.45 31.67 -0.94
CA GLN A 185 -8.01 33.01 -0.73
C GLN A 185 -8.62 33.44 -2.05
N HIS A 186 -9.89 33.09 -2.27
CA HIS A 186 -10.58 33.31 -3.53
C HIS A 186 -11.38 34.60 -3.46
N THR A 187 -11.21 35.45 -4.48
CA THR A 187 -11.96 36.70 -4.61
C THR A 187 -11.78 37.58 -3.38
N VAL A 188 -10.53 37.99 -3.15
CA VAL A 188 -10.18 38.88 -2.05
C VAL A 188 -10.16 40.30 -2.63
N THR A 189 -11.24 41.04 -2.39
CA THR A 189 -11.39 42.39 -2.91
C THR A 189 -11.31 43.38 -1.75
N THR A 190 -10.50 44.41 -1.92
CA THR A 190 -10.31 45.45 -0.89
C THR A 190 -10.25 46.80 -1.57
N THR A 191 -11.15 47.69 -1.21
CA THR A 191 -11.20 49.05 -1.74
C THR A 191 -10.91 50.02 -0.61
N THR A 192 -9.83 50.81 -0.76
CA THR A 192 -9.44 51.82 0.22
C THR A 192 -9.44 53.17 -0.49
N LYS A 193 -10.59 53.81 -0.53
CA LYS A 193 -10.76 55.11 -1.16
C LYS A 193 -10.83 56.20 -0.10
N GLY A 194 -10.76 57.44 -0.56
CA GLY A 194 -10.86 58.57 0.35
C GLY A 194 -10.35 59.84 -0.29
N GLU A 195 -10.35 60.90 0.50
CA GLU A 195 -9.85 62.20 0.07
C GLU A 195 -9.08 62.83 1.22
N ASN A 196 -7.83 63.20 0.97
CA ASN A 196 -6.96 63.83 1.96
C ASN A 196 -6.81 62.95 3.21
N PHE A 197 -6.76 61.64 3.00
CA PHE A 197 -6.59 60.69 4.08
C PHE A 197 -5.11 60.31 4.20
N THR A 198 -4.82 59.38 5.11
CA THR A 198 -3.44 58.94 5.35
C THR A 198 -3.46 57.47 5.73
N GLU A 199 -3.25 56.60 4.75
CA GLU A 199 -3.11 55.18 5.03
C GLU A 199 -1.73 54.91 5.63
N THR A 200 -1.68 54.01 6.61
CA THR A 200 -0.45 53.72 7.34
C THR A 200 0.08 52.32 7.10
N ASP A 201 -0.73 51.29 7.32
CA ASP A 201 -0.24 49.92 7.19
C ASP A 201 -1.36 49.01 6.73
N VAL A 202 -1.13 48.30 5.63
CA VAL A 202 -2.03 47.27 5.13
C VAL A 202 -1.21 46.03 4.86
N LYS A 203 -1.50 44.95 5.58
CA LYS A 203 -0.81 43.67 5.44
C LYS A 203 -1.87 42.61 5.19
N MET A 204 -2.20 42.37 3.92
CA MET A 204 -3.25 41.43 3.55
C MET A 204 -2.89 39.99 3.92
N MET A 205 -1.60 39.68 4.06
CA MET A 205 -1.13 38.42 4.60
C MET A 205 -0.08 38.69 5.68
N GLU A 206 0.02 37.77 6.64
CA GLU A 206 1.02 37.91 7.71
C GLU A 206 1.31 36.52 8.28
N ARG A 207 2.43 35.95 7.86
CA ARG A 207 2.96 34.66 8.34
C ARG A 207 1.83 33.66 8.61
N VAL A 208 1.02 33.43 7.59
CA VAL A 208 -0.24 32.71 7.77
C VAL A 208 0.00 31.28 8.22
N VAL A 209 1.07 30.63 7.72
CA VAL A 209 1.38 29.26 8.08
C VAL A 209 2.88 29.14 8.30
N GLU A 210 3.27 28.34 9.30
CA GLU A 210 4.67 28.05 9.56
C GLU A 210 5.09 26.70 8.96
N GLN A 211 4.39 25.64 9.32
CA GLN A 211 4.60 24.31 8.75
C GLN A 211 3.27 23.70 8.38
N MET A 212 3.28 22.81 7.39
CA MET A 212 2.04 22.23 6.87
C MET A 212 1.93 20.73 7.14
N CYS A 213 2.89 19.92 6.68
CA CYS A 213 2.80 18.47 6.82
C CYS A 213 3.53 17.94 8.04
N VAL A 214 4.85 18.10 8.07
CA VAL A 214 5.69 17.42 9.06
C VAL A 214 6.66 18.42 9.67
N THR A 215 6.71 18.45 10.99
CA THR A 215 7.68 19.22 11.76
C THR A 215 8.38 18.32 12.76
N GLN A 216 8.82 17.16 12.27
CA GLN A 216 9.42 16.14 13.13
C GLN A 216 10.69 16.67 13.79
N TYR A 217 10.68 16.75 15.11
CA TYR A 217 11.81 17.22 15.90
C TYR A 217 12.32 16.08 16.77
N GLN A 218 13.65 15.98 16.88
CA GLN A 218 14.31 15.00 17.73
C GLN A 218 15.36 15.77 18.52
N LYS A 219 14.96 16.32 19.67
CA LYS A 219 15.78 17.23 20.45
C LYS A 219 16.17 16.59 21.76
N GLU A 220 17.48 16.47 22.00
CA GLU A 220 18.03 16.01 23.28
C GLU A 220 17.46 14.65 23.68
N SER A 221 17.26 13.78 22.70
CA SER A 221 16.76 12.44 22.95
C SER A 221 17.94 11.50 23.21
N GLN A 222 17.89 10.79 24.33
CA GLN A 222 18.96 9.91 24.76
C GLN A 222 18.48 8.47 24.79
N ALA A 223 19.37 7.56 24.40
CA ALA A 223 19.08 6.13 24.43
C ALA A 223 20.33 5.38 24.87
N TYR A 224 20.15 4.43 25.78
CA TYR A 224 21.26 3.65 26.32
C TYR A 224 20.95 2.17 26.22
N TYR A 225 21.98 1.38 25.90
CA TYR A 225 21.82 -0.06 25.73
C TYR A 225 23.00 -0.77 26.36
N ASP A 226 22.92 -2.10 26.40
CA ASP A 226 23.98 -2.93 26.95
C ASP A 226 24.23 -4.13 26.05
N THR B 94 -17.48 -47.83 -27.53
CA THR B 94 -17.83 -46.61 -28.24
C THR B 94 -18.01 -45.44 -27.27
N HIS B 95 -17.25 -44.38 -27.51
CA HIS B 95 -17.30 -43.19 -26.66
C HIS B 95 -17.42 -41.96 -27.55
N ASN B 96 -18.38 -41.09 -27.24
CA ASN B 96 -18.61 -39.86 -27.97
C ASN B 96 -18.60 -38.69 -26.99
N GLN B 97 -17.86 -37.65 -27.32
CA GLN B 97 -17.75 -36.46 -26.49
C GLN B 97 -18.00 -35.22 -27.35
N TRP B 98 -19.06 -34.50 -27.04
CA TRP B 98 -19.43 -33.29 -27.77
C TRP B 98 -19.25 -32.08 -26.84
N ASN B 99 -18.49 -31.10 -27.31
CA ASN B 99 -18.18 -29.90 -26.53
C ASN B 99 -18.36 -28.68 -27.42
N LYS B 100 -19.44 -27.92 -27.21
CA LYS B 100 -19.73 -26.72 -27.96
C LYS B 100 -20.13 -25.60 -27.02
N PRO B 101 -19.20 -25.05 -26.24
CA PRO B 101 -19.51 -23.87 -25.44
C PRO B 101 -19.72 -22.66 -26.33
N SER B 102 -20.55 -21.73 -25.84
CA SER B 102 -20.88 -20.51 -26.58
C SER B 102 -20.61 -19.32 -25.67
N LYS B 103 -19.63 -18.50 -26.05
CA LYS B 103 -19.25 -17.30 -25.33
C LYS B 103 -19.02 -17.54 -23.83
N PRO B 104 -18.05 -18.39 -23.46
CA PRO B 104 -17.72 -18.56 -22.04
C PRO B 104 -16.86 -17.41 -21.55
N LYS B 105 -17.47 -16.51 -20.77
CA LYS B 105 -16.78 -15.36 -20.21
C LYS B 105 -16.41 -15.65 -18.76
N THR B 106 -15.14 -15.92 -18.52
CA THR B 106 -14.64 -16.23 -17.19
C THR B 106 -13.76 -15.08 -16.70
N ASN B 107 -14.14 -14.48 -15.58
CA ASN B 107 -13.40 -13.38 -14.98
C ASN B 107 -12.89 -13.80 -13.61
N LEU B 108 -11.61 -13.56 -13.36
CA LEU B 108 -10.96 -13.97 -12.11
C LEU B 108 -10.01 -12.85 -11.69
N LYS B 109 -10.40 -12.11 -10.65
CA LYS B 109 -9.60 -10.96 -10.21
C LYS B 109 -8.55 -11.36 -9.19
N HIS B 110 -8.97 -11.92 -8.05
CA HIS B 110 -8.04 -12.38 -7.02
C HIS B 110 -8.52 -13.77 -6.60
N VAL B 111 -7.89 -14.81 -7.14
CA VAL B 111 -8.40 -16.16 -6.97
C VAL B 111 -7.80 -16.80 -5.71
N ALA B 112 -6.49 -17.00 -5.71
CA ALA B 112 -5.80 -17.63 -4.59
C ALA B 112 -4.47 -16.94 -4.34
N GLY B 113 -4.43 -15.63 -4.53
CA GLY B 113 -3.20 -14.89 -4.34
C GLY B 113 -3.02 -14.38 -2.92
N ALA B 114 -2.05 -14.94 -2.21
CA ALA B 114 -1.72 -14.49 -0.86
C ALA B 114 -0.97 -13.17 -0.98
N ALA B 115 -1.75 -12.09 -1.11
CA ALA B 115 -1.22 -10.75 -1.35
C ALA B 115 -1.32 -9.92 -0.08
N ALA B 116 -0.19 -9.37 0.35
CA ALA B 116 -0.13 -8.48 1.51
C ALA B 116 -0.06 -7.05 0.99
N ALA B 117 -1.20 -6.36 1.01
CA ALA B 117 -1.30 -4.98 0.54
C ALA B 117 -1.82 -4.13 1.69
N GLY B 118 -0.91 -3.67 2.54
CA GLY B 118 -1.27 -2.85 3.68
C GLY B 118 -0.08 -2.05 4.16
N ALA B 119 -0.38 -0.94 4.80
CA ALA B 119 0.64 -0.03 5.31
C ALA B 119 0.97 -0.40 6.75
N VAL B 120 2.26 -0.62 7.03
CA VAL B 120 2.73 -0.96 8.36
C VAL B 120 3.57 0.22 8.84
N VAL B 121 2.93 1.16 9.55
CA VAL B 121 3.63 2.30 10.13
C VAL B 121 4.37 1.94 11.40
N GLY B 122 3.88 0.97 12.17
CA GLY B 122 4.57 0.51 13.36
C GLY B 122 5.62 -0.53 13.03
N GLY B 123 5.67 -1.62 13.79
CA GLY B 123 6.64 -2.66 13.53
C GLY B 123 6.62 -3.74 14.59
N LEU B 124 7.59 -4.64 14.51
CA LEU B 124 7.73 -5.75 15.45
C LEU B 124 6.55 -6.71 15.35
N GLY B 125 5.91 -6.72 14.19
CA GLY B 125 4.76 -7.58 13.98
C GLY B 125 4.84 -8.40 12.71
N GLY B 126 4.65 -9.71 12.84
CA GLY B 126 4.62 -10.58 11.67
C GLY B 126 3.43 -10.32 10.79
N TYR B 127 3.66 -9.75 9.61
CA TYR B 127 2.60 -9.37 8.70
C TYR B 127 2.46 -10.41 7.60
N MET B 128 1.26 -11.01 7.49
CA MET B 128 0.93 -11.98 6.45
C MET B 128 1.93 -13.15 6.47
N LEU B 129 1.91 -13.88 7.58
CA LEU B 129 2.76 -15.05 7.72
C LEU B 129 2.18 -16.28 7.04
N GLY B 130 0.91 -16.26 6.68
CA GLY B 130 0.29 -17.40 6.04
C GLY B 130 0.51 -17.44 4.54
N SER B 131 0.10 -18.55 3.94
CA SER B 131 0.26 -18.78 2.51
C SER B 131 -1.12 -19.03 1.89
N ALA B 132 -1.13 -19.45 0.63
CA ALA B 132 -2.35 -19.79 -0.09
C ALA B 132 -2.14 -21.13 -0.77
N MET B 133 -2.89 -22.14 -0.32
CA MET B 133 -2.78 -23.51 -0.81
C MET B 133 -4.16 -24.07 -1.12
N SER B 134 -4.97 -23.28 -1.81
CA SER B 134 -6.33 -23.69 -2.13
C SER B 134 -6.40 -24.34 -3.52
N ARG B 135 -7.54 -24.94 -3.81
CA ARG B 135 -7.81 -25.56 -5.11
C ARG B 135 -9.17 -25.10 -5.62
N PRO B 136 -9.25 -23.86 -6.11
CA PRO B 136 -10.53 -23.38 -6.65
C PRO B 136 -10.87 -24.04 -7.98
N MET B 137 -11.32 -25.30 -7.91
CA MET B 137 -11.60 -26.07 -9.11
C MET B 137 -12.88 -25.60 -9.78
N ILE B 138 -12.82 -25.42 -11.09
CA ILE B 138 -13.98 -25.10 -11.91
C ILE B 138 -14.01 -26.06 -13.09
N HIS B 139 -15.12 -26.76 -13.26
CA HIS B 139 -15.29 -27.73 -14.34
C HIS B 139 -16.52 -27.36 -15.16
N PHE B 140 -16.36 -27.36 -16.48
CA PHE B 140 -17.46 -27.06 -17.39
C PHE B 140 -17.58 -28.01 -18.56
N GLY B 141 -16.55 -28.79 -18.87
CA GLY B 141 -16.60 -29.71 -19.99
C GLY B 141 -16.94 -31.13 -19.58
N ASN B 142 -16.96 -32.01 -20.57
CA ASN B 142 -17.27 -33.41 -20.34
C ASN B 142 -16.09 -34.11 -19.66
N ASP B 143 -16.40 -35.07 -18.80
CA ASP B 143 -15.39 -35.84 -18.08
C ASP B 143 -15.72 -37.32 -18.18
N TRP B 144 -14.67 -38.14 -18.18
CA TRP B 144 -14.83 -39.59 -18.23
C TRP B 144 -13.55 -40.23 -17.70
N GLU B 145 -13.66 -40.94 -16.59
CA GLU B 145 -12.50 -41.55 -15.94
C GLU B 145 -12.89 -42.93 -15.43
N ASP B 146 -11.88 -43.77 -15.21
CA ASP B 146 -12.15 -45.14 -14.79
C ASP B 146 -10.89 -45.76 -14.17
N ARG B 147 -11.08 -46.44 -13.04
CA ARG B 147 -10.07 -47.31 -12.45
C ARG B 147 -8.76 -46.57 -12.16
N TYR B 148 -8.88 -45.42 -11.50
CA TYR B 148 -7.72 -44.57 -11.27
C TYR B 148 -7.49 -44.35 -9.78
N TYR B 149 -6.43 -43.58 -9.48
CA TYR B 149 -5.99 -43.25 -8.12
C TYR B 149 -5.59 -41.78 -8.15
N ARG B 150 -6.56 -40.91 -7.85
CA ARG B 150 -6.36 -39.48 -8.06
C ARG B 150 -5.43 -38.86 -7.04
N GLU B 151 -5.83 -38.88 -5.77
CA GLU B 151 -5.06 -38.24 -4.70
C GLU B 151 -5.06 -39.13 -3.47
N ASN B 152 -4.01 -39.00 -2.67
CA ASN B 152 -3.88 -39.79 -1.45
C ASN B 152 -2.76 -39.20 -0.60
N MET B 153 -2.89 -39.40 0.72
CA MET B 153 -1.86 -39.01 1.68
C MET B 153 -1.53 -37.53 1.58
N TYR B 154 -2.55 -36.70 1.32
CA TYR B 154 -2.35 -35.27 1.26
C TYR B 154 -2.13 -34.72 2.67
N ARG B 155 -1.18 -33.80 2.80
CA ARG B 155 -0.85 -33.18 4.10
C ARG B 155 -0.66 -31.69 3.88
N TYR B 156 -1.60 -30.89 4.40
CA TYR B 156 -1.55 -29.44 4.29
C TYR B 156 -1.74 -28.82 5.68
N PRO B 157 -0.81 -29.05 6.62
CA PRO B 157 -0.96 -28.44 7.94
C PRO B 157 -0.39 -27.02 7.95
N ASN B 158 -1.22 -26.07 8.36
CA ASN B 158 -0.79 -24.68 8.52
C ASN B 158 -0.17 -24.53 9.91
N GLN B 159 1.11 -24.88 10.00
CA GLN B 159 1.84 -24.87 11.25
C GLN B 159 2.60 -23.56 11.38
N VAL B 160 2.13 -22.69 12.27
CA VAL B 160 2.75 -21.39 12.52
C VAL B 160 3.31 -21.39 13.93
N TYR B 161 4.60 -21.12 14.06
CA TYR B 161 5.28 -21.07 15.35
C TYR B 161 5.68 -19.61 15.62
N TYR B 162 4.96 -18.97 16.55
CA TYR B 162 5.17 -17.57 16.89
C TYR B 162 5.85 -17.51 18.24
N ARG B 163 7.17 -17.28 18.24
CA ARG B 163 7.97 -17.22 19.46
C ARG B 163 8.89 -16.00 19.44
N PRO B 164 8.34 -14.79 19.56
CA PRO B 164 9.19 -13.62 19.74
C PRO B 164 9.65 -13.54 21.18
N VAL B 165 10.97 -13.44 21.38
CA VAL B 165 11.51 -13.49 22.74
C VAL B 165 11.43 -12.12 23.40
N ASP B 166 12.11 -11.12 22.84
CA ASP B 166 12.09 -9.77 23.36
C ASP B 166 11.66 -8.81 22.26
N GLN B 167 10.67 -7.97 22.56
CA GLN B 167 10.16 -6.98 21.61
C GLN B 167 9.85 -5.70 22.36
N TYR B 168 10.49 -4.61 21.96
CA TYR B 168 10.35 -3.32 22.64
C TYR B 168 9.94 -2.26 21.64
N SER B 169 8.89 -1.52 21.96
CA SER B 169 8.44 -0.38 21.15
C SER B 169 8.15 0.75 22.12
N ASN B 170 9.09 1.68 22.25
CA ASN B 170 9.06 2.69 23.29
C ASN B 170 9.22 4.09 22.70
N GLN B 171 8.53 5.06 23.31
CA GLN B 171 8.70 6.48 22.99
C GLN B 171 8.48 6.76 21.52
N ASN B 172 7.41 6.18 20.97
CA ASN B 172 7.12 6.28 19.54
C ASN B 172 5.91 7.17 19.30
N ASN B 173 6.00 7.98 18.26
CA ASN B 173 4.91 8.85 17.81
C ASN B 173 4.62 8.52 16.35
N PHE B 174 3.51 7.81 16.11
CA PHE B 174 3.16 7.34 14.78
C PHE B 174 1.89 8.03 14.30
N VAL B 175 1.94 8.55 13.07
CA VAL B 175 0.79 9.17 12.42
C VAL B 175 0.70 8.58 11.02
N HIS B 176 -0.51 8.20 10.61
CA HIS B 176 -0.68 7.52 9.33
C HIS B 176 -1.10 8.46 8.21
N ASP B 177 -2.27 9.09 8.32
CA ASP B 177 -2.85 9.75 7.15
C ASP B 177 -3.35 11.15 7.46
N CYS B 178 -3.28 12.01 6.45
CA CYS B 178 -3.97 13.29 6.39
C CYS B 178 -4.81 13.30 5.12
N VAL B 179 -6.03 13.83 5.22
CA VAL B 179 -6.93 13.88 4.07
C VAL B 179 -7.67 15.21 4.07
N ASN B 180 -7.47 16.00 3.02
CA ASN B 180 -8.30 17.17 2.71
C ASN B 180 -8.35 18.15 3.88
N ILE B 181 -7.18 18.72 4.17
CA ILE B 181 -7.03 19.73 5.21
C ILE B 181 -6.90 21.08 4.50
N THR B 182 -7.98 21.85 4.49
CA THR B 182 -8.02 23.11 3.77
C THR B 182 -8.45 24.23 4.70
N ILE B 183 -7.97 25.43 4.40
CA ILE B 183 -8.43 26.66 5.04
C ILE B 183 -8.81 27.62 3.92
N LYS B 184 -10.09 27.97 3.84
CA LYS B 184 -10.62 28.73 2.73
C LYS B 184 -11.14 30.08 3.20
N GLN B 185 -10.96 31.10 2.37
CA GLN B 185 -11.52 32.43 2.60
C GLN B 185 -12.13 32.88 1.27
N HIS B 186 -13.39 32.54 1.06
CA HIS B 186 -14.08 32.77 -0.20
C HIS B 186 -14.88 34.07 -0.12
N THR B 187 -14.71 34.92 -1.13
CA THR B 187 -15.45 36.18 -1.26
C THR B 187 -15.26 37.05 -0.01
N VAL B 188 -14.02 37.45 0.21
CA VAL B 188 -13.66 38.34 1.32
C VAL B 188 -13.63 39.75 0.76
N THR B 189 -14.71 40.49 0.99
CA THR B 189 -14.85 41.86 0.49
C THR B 189 -14.77 42.83 1.66
N THR B 190 -13.94 43.86 1.50
CA THR B 190 -13.74 44.88 2.53
C THR B 190 -13.68 46.24 1.85
N THR B 191 -14.59 47.14 2.23
CA THR B 191 -14.61 48.50 1.71
C THR B 191 -14.32 49.46 2.85
N THR B 192 -13.24 50.24 2.70
CA THR B 192 -12.84 51.24 3.69
C THR B 192 -12.83 52.60 2.99
N LYS B 193 -13.99 53.25 2.95
CA LYS B 193 -14.15 54.56 2.34
C LYS B 193 -14.20 55.64 3.41
N GLY B 194 -14.14 56.89 2.97
CA GLY B 194 -14.23 58.00 3.88
C GLY B 194 -13.71 59.27 3.24
N GLU B 195 -13.71 60.33 4.04
CA GLU B 195 -13.20 61.63 3.63
C GLU B 195 -12.43 62.24 4.78
N ASN B 196 -11.17 62.61 4.53
CA ASN B 196 -10.31 63.23 5.53
C ASN B 196 -10.15 62.34 6.76
N PHE B 197 -10.12 61.03 6.55
CA PHE B 197 -9.94 60.07 7.62
C PHE B 197 -8.46 59.68 7.74
N THR B 198 -8.18 58.74 8.63
CA THR B 198 -6.80 58.30 8.87
C THR B 198 -6.83 56.82 9.24
N GLU B 199 -6.63 55.96 8.25
CA GLU B 199 -6.49 54.53 8.52
C GLU B 199 -5.12 54.25 9.11
N THR B 200 -5.07 53.34 10.09
CA THR B 200 -3.85 53.05 10.82
C THR B 200 -3.32 51.65 10.57
N ASP B 201 -4.13 50.61 10.78
CA ASP B 201 -3.65 49.25 10.64
C ASP B 201 -4.77 48.35 10.17
N VAL B 202 -4.55 47.64 9.06
CA VAL B 202 -5.45 46.63 8.56
C VAL B 202 -4.64 45.37 8.28
N LYS B 203 -4.94 44.29 8.99
CA LYS B 203 -4.26 43.01 8.84
C LYS B 203 -5.33 41.95 8.59
N MET B 204 -5.64 41.74 7.31
CA MET B 204 -6.71 40.80 6.93
C MET B 204 -6.35 39.35 7.29
N MET B 205 -5.06 39.05 7.43
CA MET B 205 -4.60 37.77 7.96
C MET B 205 -3.54 38.03 9.02
N GLU B 206 -3.45 37.10 9.99
CA GLU B 206 -2.46 37.23 11.06
C GLU B 206 -2.17 35.83 11.61
N ARG B 207 -1.05 35.25 11.19
CA ARG B 207 -0.54 33.96 11.66
C ARG B 207 -1.67 32.96 11.92
N VAL B 208 -2.48 32.75 10.89
CA VAL B 208 -3.74 32.02 11.07
C VAL B 208 -3.50 30.59 11.51
N VAL B 209 -2.45 29.95 11.01
CA VAL B 209 -2.14 28.57 11.36
C VAL B 209 -0.63 28.43 11.58
N GLU B 210 -0.25 27.62 12.56
CA GLU B 210 1.15 27.33 12.83
C GLU B 210 1.56 25.99 12.22
N GLN B 211 0.85 24.92 12.57
CA GLN B 211 1.06 23.60 11.98
C GLN B 211 -0.29 22.99 11.61
N MET B 212 -0.28 22.11 10.61
CA MET B 212 -1.51 21.54 10.09
C MET B 212 -1.62 20.04 10.35
N CYS B 213 -0.67 19.23 9.88
CA CYS B 213 -0.78 17.78 10.00
C CYS B 213 -0.05 17.24 11.23
N VAL B 214 1.27 17.39 11.26
CA VAL B 214 2.11 16.70 12.23
C VAL B 214 3.08 17.68 12.86
N THR B 215 3.14 17.70 14.17
CA THR B 215 4.11 18.46 14.95
C THR B 215 4.81 17.55 15.94
N GLN B 216 5.26 16.39 15.44
CA GLN B 216 5.84 15.36 16.29
C GLN B 216 7.12 15.88 16.95
N TYR B 217 7.10 15.95 18.28
CA TYR B 217 8.24 16.40 19.06
C TYR B 217 8.75 15.26 19.93
N GLN B 218 10.07 15.16 20.03
CA GLN B 218 10.73 14.16 20.88
C GLN B 218 11.79 14.93 21.68
N LYS B 219 11.38 15.47 22.82
CA LYS B 219 12.21 16.37 23.60
C LYS B 219 12.60 15.70 24.92
N GLU B 220 13.91 15.58 25.16
CA GLU B 220 14.46 15.11 26.43
C GLU B 220 13.88 13.75 26.83
N SER B 221 13.68 12.89 25.83
CA SER B 221 13.17 11.55 26.07
C SER B 221 14.34 10.61 26.31
N GLN B 222 14.29 9.89 27.43
CA GLN B 222 15.36 9.00 27.85
C GLN B 222 14.87 7.56 27.86
N ALA B 223 15.75 6.64 27.48
CA ALA B 223 15.46 5.21 27.50
C ALA B 223 16.71 4.45 27.93
N TYR B 224 16.53 3.49 28.83
CA TYR B 224 17.63 2.72 29.38
C TYR B 224 17.32 1.24 29.25
N TYR B 225 18.33 0.44 28.93
CA TYR B 225 18.17 -1.00 28.74
C TYR B 225 19.35 -1.73 29.37
N ASP B 226 19.25 -3.05 29.40
CA ASP B 226 20.32 -3.89 29.94
C ASP B 226 20.56 -5.09 29.03
N THR C 94 -9.56 -47.26 -32.92
CA THR C 94 -9.93 -46.05 -33.65
C THR C 94 -10.12 -44.88 -32.70
N HIS C 95 -9.38 -43.80 -32.95
CA HIS C 95 -9.44 -42.60 -32.13
C HIS C 95 -9.57 -41.38 -33.04
N ASN C 96 -10.55 -40.54 -32.74
CA ASN C 96 -10.77 -39.30 -33.49
C ASN C 96 -10.78 -38.13 -32.53
N GLN C 97 -10.05 -37.07 -32.88
CA GLN C 97 -9.96 -35.88 -32.06
C GLN C 97 -10.22 -34.66 -32.94
N TRP C 98 -11.29 -33.94 -32.65
CA TRP C 98 -11.68 -32.75 -33.39
C TRP C 98 -11.50 -31.53 -32.49
N ASN C 99 -10.76 -30.53 -32.97
CA ASN C 99 -10.47 -29.33 -32.22
C ASN C 99 -10.65 -28.13 -33.13
N LYS C 100 -11.74 -27.37 -32.92
CA LYS C 100 -12.03 -26.18 -33.70
C LYS C 100 -12.46 -25.04 -32.76
N PRO C 101 -11.52 -24.48 -32.00
CA PRO C 101 -11.85 -23.29 -31.21
C PRO C 101 -12.08 -22.09 -32.12
N SER C 102 -12.93 -21.17 -31.66
CA SER C 102 -13.26 -19.97 -32.41
C SER C 102 -13.01 -18.75 -31.53
N LYS C 103 -12.03 -17.94 -31.93
CA LYS C 103 -11.66 -16.72 -31.22
C LYS C 103 -11.44 -16.93 -29.71
N PRO C 104 -10.46 -17.76 -29.32
CA PRO C 104 -10.13 -17.91 -27.90
C PRO C 104 -9.28 -16.75 -27.42
N LYS C 105 -9.90 -15.84 -26.66
CA LYS C 105 -9.23 -14.67 -26.12
C LYS C 105 -8.86 -14.94 -24.67
N THR C 106 -7.58 -15.19 -24.41
CA THR C 106 -7.09 -15.47 -23.07
C THR C 106 -6.22 -14.30 -22.61
N ASN C 107 -6.61 -13.69 -21.49
CA ASN C 107 -5.88 -12.57 -20.92
C ASN C 107 -5.37 -12.97 -19.54
N LEU C 108 -4.08 -12.71 -19.28
CA LEU C 108 -3.44 -13.08 -18.03
C LEU C 108 -2.50 -11.96 -17.63
N LYS C 109 -2.90 -11.20 -16.60
CA LYS C 109 -2.12 -10.04 -16.18
C LYS C 109 -1.05 -10.41 -15.14
N HIS C 110 -1.48 -10.95 -14.00
CA HIS C 110 -0.56 -11.39 -12.96
C HIS C 110 -1.02 -12.78 -12.52
N VAL C 111 -0.37 -13.81 -13.04
CA VAL C 111 -0.86 -15.18 -12.86
C VAL C 111 -0.27 -15.78 -11.59
N ALA C 112 1.05 -15.98 -11.58
CA ALA C 112 1.74 -16.58 -10.45
C ALA C 112 3.07 -15.88 -10.21
N GLY C 113 3.09 -14.57 -10.41
CA GLY C 113 4.31 -13.80 -10.23
C GLY C 113 4.48 -13.27 -8.82
N ALA C 114 5.46 -13.81 -8.10
CA ALA C 114 5.78 -13.33 -6.75
C ALA C 114 6.51 -12.00 -6.90
N ALA C 115 5.72 -10.94 -7.04
CA ALA C 115 6.25 -9.60 -7.29
C ALA C 115 6.13 -8.75 -6.05
N ALA C 116 7.26 -8.18 -5.62
CA ALA C 116 7.31 -7.27 -4.48
C ALA C 116 7.36 -5.85 -5.02
N ALA C 117 6.21 -5.17 -5.01
CA ALA C 117 6.10 -3.80 -5.50
C ALA C 117 5.56 -2.93 -4.37
N GLY C 118 6.48 -2.46 -3.53
CA GLY C 118 6.10 -1.62 -2.40
C GLY C 118 7.28 -0.81 -1.93
N ALA C 119 6.96 0.33 -1.31
CA ALA C 119 7.98 1.24 -0.81
C ALA C 119 8.30 0.91 0.64
N VAL C 120 9.59 0.70 0.92
CA VAL C 120 10.07 0.39 2.26
C VAL C 120 10.90 1.59 2.73
N VAL C 121 10.24 2.53 3.42
CA VAL C 121 10.94 3.68 3.97
C VAL C 121 11.67 3.34 5.26
N GLY C 122 11.19 2.38 6.04
CA GLY C 122 11.88 1.95 7.23
C GLY C 122 12.94 0.92 6.93
N GLY C 123 13.00 -0.15 7.70
CA GLY C 123 13.98 -1.19 7.47
C GLY C 123 13.96 -2.25 8.54
N LEU C 124 14.95 -3.14 8.48
CA LEU C 124 15.11 -4.24 9.43
C LEU C 124 13.93 -5.21 9.36
N GLY C 125 13.29 -5.25 8.18
CA GLY C 125 12.16 -6.12 7.99
C GLY C 125 12.25 -6.97 6.73
N GLY C 126 12.08 -8.28 6.88
CA GLY C 126 12.06 -9.16 5.73
C GLY C 126 10.86 -8.92 4.84
N TYR C 127 11.10 -8.37 3.65
CA TYR C 127 10.02 -8.02 2.73
C TYR C 127 9.90 -9.09 1.64
N MET C 128 8.71 -9.69 1.54
CA MET C 128 8.40 -10.68 0.52
C MET C 128 9.40 -11.84 0.56
N LEU C 129 9.38 -12.55 1.69
CA LEU C 129 10.25 -13.72 1.85
C LEU C 129 9.69 -14.96 1.19
N GLY C 130 8.40 -14.95 0.81
CA GLY C 130 7.80 -16.11 0.19
C GLY C 130 8.04 -16.17 -1.30
N SER C 131 7.64 -17.30 -1.89
CA SER C 131 7.79 -17.55 -3.31
C SER C 131 6.42 -17.82 -3.93
N ALA C 132 6.42 -18.26 -5.18
CA ALA C 132 5.20 -18.62 -5.90
C ALA C 132 5.43 -19.98 -6.56
N MET C 133 4.69 -20.98 -6.09
CA MET C 133 4.81 -22.36 -6.56
C MET C 133 3.44 -22.94 -6.87
N SER C 134 2.62 -22.18 -7.58
CA SER C 134 1.27 -22.60 -7.89
C SER C 134 1.22 -23.27 -9.27
N ARG C 135 0.08 -23.89 -9.56
CA ARG C 135 -0.18 -24.54 -10.84
C ARG C 135 -1.54 -24.09 -11.35
N PRO C 136 -1.64 -22.87 -11.87
CA PRO C 136 -2.93 -22.41 -12.43
C PRO C 136 -3.26 -23.10 -13.74
N MET C 137 -3.69 -24.36 -13.65
CA MET C 137 -3.96 -25.15 -14.84
C MET C 137 -5.24 -24.71 -15.52
N ILE C 138 -5.17 -24.54 -16.84
CA ILE C 138 -6.35 -24.25 -17.66
C ILE C 138 -6.35 -25.23 -18.81
N HIS C 139 -7.46 -25.94 -18.99
CA HIS C 139 -7.61 -26.93 -20.05
C HIS C 139 -8.84 -26.59 -20.88
N PHE C 140 -8.69 -26.59 -22.20
CA PHE C 140 -9.79 -26.32 -23.12
C PHE C 140 -9.89 -27.30 -24.27
N GLY C 141 -8.85 -28.08 -24.57
CA GLY C 141 -8.89 -29.01 -25.67
C GLY C 141 -9.22 -30.42 -25.24
N ASN C 142 -9.24 -31.33 -26.22
CA ASN C 142 -9.53 -32.73 -25.96
C ASN C 142 -8.34 -33.41 -25.28
N ASP C 143 -8.65 -34.36 -24.40
CA ASP C 143 -7.63 -35.09 -23.66
C ASP C 143 -7.93 -36.58 -23.74
N TRP C 144 -6.88 -37.39 -23.72
CA TRP C 144 -7.02 -38.85 -23.75
C TRP C 144 -5.74 -39.46 -23.21
N GLU C 145 -5.85 -40.16 -22.08
CA GLU C 145 -4.69 -40.75 -21.42
C GLU C 145 -5.06 -42.12 -20.88
N ASP C 146 -4.04 -42.94 -20.65
CA ASP C 146 -4.29 -44.32 -20.23
C ASP C 146 -3.04 -44.91 -19.59
N ARG C 147 -3.22 -45.57 -18.45
CA ARG C 147 -2.20 -46.43 -17.84
C ARG C 147 -0.90 -45.67 -17.55
N TYR C 148 -1.03 -44.50 -16.91
CA TYR C 148 0.12 -43.64 -16.69
C TYR C 148 0.35 -43.39 -15.20
N TYR C 149 1.39 -42.61 -14.93
CA TYR C 149 1.82 -42.26 -13.57
C TYR C 149 2.21 -40.78 -13.61
N ARG C 150 1.23 -39.91 -13.33
CA ARG C 150 1.41 -38.48 -13.57
C ARG C 150 2.35 -37.83 -12.55
N GLU C 151 1.94 -37.84 -11.28
CA GLU C 151 2.70 -37.19 -10.23
C GLU C 151 2.71 -38.05 -8.98
N ASN C 152 3.75 -37.89 -8.18
CA ASN C 152 3.90 -38.67 -6.95
C ASN C 152 5.00 -38.06 -6.10
N MET C 153 4.86 -38.23 -4.79
CA MET C 153 5.89 -37.81 -3.83
C MET C 153 6.21 -36.32 -3.95
N TYR C 154 5.19 -35.52 -4.23
CA TYR C 154 5.37 -34.08 -4.30
C TYR C 154 5.58 -33.51 -2.90
N ARG C 155 6.51 -32.57 -2.79
CA ARG C 155 6.84 -31.95 -1.51
C ARG C 155 7.01 -30.45 -1.74
N TYR C 156 6.07 -29.65 -1.24
CA TYR C 156 6.10 -28.20 -1.36
C TYR C 156 5.90 -27.56 0.01
N PRO C 157 6.82 -27.77 0.95
CA PRO C 157 6.68 -27.13 2.27
C PRO C 157 7.22 -25.71 2.26
N ASN C 158 6.37 -24.76 2.65
CA ASN C 158 6.80 -23.37 2.79
C ASN C 158 7.41 -23.20 4.17
N GLN C 159 8.69 -23.52 4.27
CA GLN C 159 9.42 -23.49 5.53
C GLN C 159 10.17 -22.17 5.64
N VAL C 160 9.69 -21.29 6.52
CA VAL C 160 10.30 -19.98 6.74
C VAL C 160 10.85 -19.95 8.16
N TYR C 161 12.13 -19.65 8.28
CA TYR C 161 12.81 -19.57 9.57
C TYR C 161 13.19 -18.11 9.82
N TYR C 162 12.46 -17.47 10.73
CA TYR C 162 12.67 -16.06 11.06
C TYR C 162 13.35 -15.98 12.42
N ARG C 163 14.66 -15.73 12.41
CA ARG C 163 15.45 -15.65 13.63
C ARG C 163 16.36 -14.42 13.59
N PRO C 164 15.80 -13.21 13.68
CA PRO C 164 16.63 -12.02 13.85
C PRO C 164 17.09 -11.91 15.29
N VAL C 165 18.40 -11.80 15.50
CA VAL C 165 18.96 -11.81 16.85
C VAL C 165 18.86 -10.44 17.50
N ASP C 166 19.52 -9.45 16.92
CA ASP C 166 19.48 -8.08 17.42
C ASP C 166 19.05 -7.15 16.30
N GLN C 167 18.05 -6.31 16.59
CA GLN C 167 17.54 -5.35 15.62
C GLN C 167 17.20 -4.06 16.35
N TYR C 168 17.84 -2.96 15.94
CA TYR C 168 17.67 -1.67 16.59
C TYR C 168 17.27 -0.62 15.57
N SER C 169 16.20 0.10 15.87
CA SER C 169 15.74 1.23 15.05
C SER C 169 15.44 2.38 16.01
N ASN C 170 16.37 3.31 16.12
CA ASN C 170 16.32 4.34 17.14
C ASN C 170 16.47 5.73 16.53
N GLN C 171 15.78 6.69 17.12
CA GLN C 171 15.94 8.11 16.79
C GLN C 171 15.70 8.38 15.30
N ASN C 172 14.64 7.78 14.76
CA ASN C 172 14.36 7.84 13.34
C ASN C 172 13.14 8.73 13.07
N ASN C 173 13.22 9.52 12.01
CA ASN C 173 12.13 10.37 11.55
C ASN C 173 11.83 10.01 10.10
N PHE C 174 10.74 9.29 9.87
CA PHE C 174 10.40 8.79 8.54
C PHE C 174 9.13 9.45 8.05
N VAL C 175 9.17 9.96 6.82
CA VAL C 175 8.02 10.55 6.15
C VAL C 175 7.93 9.94 4.76
N HIS C 176 6.73 9.54 4.35
CA HIS C 176 6.56 8.84 3.08
C HIS C 176 6.14 9.77 1.95
N ASP C 177 4.96 10.38 2.05
CA ASP C 177 4.38 11.01 0.86
C ASP C 177 3.86 12.41 1.16
N CYS C 178 3.94 13.26 0.13
CA CYS C 178 3.22 14.52 0.05
C CYS C 178 2.39 14.50 -1.22
N VAL C 179 1.16 15.03 -1.14
CA VAL C 179 0.26 15.05 -2.29
C VAL C 179 -0.49 16.38 -2.31
N ASN C 180 -0.30 17.15 -3.38
CA ASN C 180 -1.13 18.31 -3.71
C ASN C 180 -1.20 19.31 -2.55
N ILE C 181 -0.04 19.89 -2.26
CA ILE C 181 0.10 20.92 -1.24
C ILE C 181 0.21 22.26 -1.97
N THR C 182 -0.88 23.01 -2.01
CA THR C 182 -0.92 24.26 -2.74
C THR C 182 -1.37 25.40 -1.82
N ILE C 183 -0.90 26.60 -2.14
CA ILE C 183 -1.37 27.83 -1.53
C ILE C 183 -1.75 28.77 -2.65
N LYS C 184 -3.04 29.10 -2.74
CA LYS C 184 -3.58 29.84 -3.88
C LYS C 184 -4.11 31.19 -3.42
N GLN C 185 -3.94 32.20 -4.26
CA GLN C 185 -4.51 33.53 -4.07
C GLN C 185 -5.13 33.94 -5.40
N HIS C 186 -6.39 33.59 -5.61
CA HIS C 186 -7.07 33.80 -6.87
C HIS C 186 -7.88 35.09 -6.82
N THR C 187 -7.73 35.93 -7.84
CA THR C 187 -8.48 37.18 -7.99
C THR C 187 -8.31 38.06 -6.76
N VAL C 188 -7.07 38.48 -6.53
CA VAL C 188 -6.72 39.38 -5.44
C VAL C 188 -6.70 40.79 -6.03
N THR C 189 -7.78 41.53 -5.81
CA THR C 189 -7.95 42.88 -6.32
C THR C 189 -7.87 43.87 -5.17
N THR C 190 -7.06 44.92 -5.35
CA THR C 190 -6.88 45.96 -4.34
C THR C 190 -6.83 47.30 -5.03
N THR C 191 -7.73 48.20 -4.67
CA THR C 191 -7.78 49.55 -5.22
C THR C 191 -7.49 50.54 -4.09
N THR C 192 -6.44 51.32 -4.25
CA THR C 192 -6.05 52.34 -3.28
C THR C 192 -6.05 53.69 -4.00
N LYS C 193 -7.21 54.32 -4.04
CA LYS C 193 -7.38 55.62 -4.68
C LYS C 193 -7.45 56.72 -3.63
N GLY C 194 -7.40 57.96 -4.09
CA GLY C 194 -7.50 59.08 -3.19
C GLY C 194 -7.00 60.35 -3.85
N GLU C 195 -7.00 61.43 -3.06
CA GLU C 195 -6.51 62.72 -3.51
C GLU C 195 -5.75 63.36 -2.36
N ASN C 196 -4.50 63.74 -2.62
CA ASN C 196 -3.63 64.38 -1.62
C ASN C 196 -3.48 63.51 -0.38
N PHE C 197 -3.42 62.20 -0.56
CA PHE C 197 -3.23 61.25 0.52
C PHE C 197 -1.76 60.89 0.65
N THR C 198 -1.47 59.96 1.57
CA THR C 198 -0.09 59.55 1.80
C THR C 198 -0.10 58.07 2.20
N GLU C 199 0.12 57.19 1.22
CA GLU C 199 0.26 55.77 1.51
C GLU C 199 1.64 55.51 2.12
N THR C 200 1.69 54.62 3.10
CA THR C 200 2.92 54.36 3.84
C THR C 200 3.47 52.95 3.61
N ASP C 201 2.67 51.91 3.84
CA ASP C 201 3.16 50.55 3.73
C ASP C 201 2.04 49.62 3.27
N VAL C 202 2.28 48.92 2.17
CA VAL C 202 1.38 47.87 1.68
C VAL C 202 2.21 46.63 1.42
N LYS C 203 1.92 45.56 2.16
CA LYS C 203 2.63 44.28 2.02
C LYS C 203 1.56 43.21 1.79
N MET C 204 1.25 42.96 0.51
CA MET C 204 0.20 42.02 0.14
C MET C 204 0.57 40.59 0.52
N MET C 205 1.86 40.29 0.67
CA MET C 205 2.33 39.03 1.23
C MET C 205 3.38 39.31 2.30
N GLU C 206 3.49 38.40 3.27
CA GLU C 206 4.48 38.56 4.33
C GLU C 206 4.78 37.17 4.92
N ARG C 207 5.90 36.59 4.50
CA ARG C 207 6.43 35.31 4.99
C ARG C 207 5.31 34.31 5.28
N VAL C 208 4.50 34.07 4.24
CA VAL C 208 3.25 33.34 4.43
C VAL C 208 3.51 31.91 4.90
N VAL C 209 4.57 31.28 4.40
CA VAL C 209 4.88 29.90 4.77
C VAL C 209 6.39 29.79 5.00
N GLU C 210 6.77 29.00 6.00
CA GLU C 210 8.18 28.71 6.26
C GLU C 210 8.61 27.37 5.68
N GLN C 211 7.90 26.30 6.04
CA GLN C 211 8.14 24.97 5.48
C GLN C 211 6.80 24.36 5.11
N MET C 212 6.82 23.45 4.14
CA MET C 212 5.60 22.86 3.61
C MET C 212 5.49 21.37 3.91
N CYS C 213 6.45 20.57 3.44
CA CYS C 213 6.36 19.12 3.59
C CYS C 213 7.10 18.59 4.83
N VAL C 214 8.41 18.76 4.86
CA VAL C 214 9.25 18.10 5.85
C VAL C 214 10.22 19.10 6.45
N THR C 215 10.27 19.14 7.78
CA THR C 215 11.23 19.93 8.53
C THR C 215 11.94 19.03 9.55
N GLN C 216 12.39 17.87 9.07
CA GLN C 216 12.99 16.87 9.94
C GLN C 216 14.26 17.41 10.59
N TYR C 217 14.23 17.50 11.92
CA TYR C 217 15.37 17.97 12.69
C TYR C 217 15.89 16.85 13.58
N GLN C 218 17.21 16.76 13.69
CA GLN C 218 17.89 15.79 14.55
C GLN C 218 18.93 16.57 15.35
N LYS C 219 18.52 17.13 16.47
CA LYS C 219 19.34 18.05 17.25
C LYS C 219 19.73 17.41 18.58
N GLU C 220 21.04 17.31 18.81
CA GLU C 220 21.59 16.86 20.09
C GLU C 220 21.03 15.51 20.51
N SER C 221 20.83 14.62 19.53
CA SER C 221 20.34 13.28 19.79
C SER C 221 21.51 12.35 20.06
N GLN C 222 21.47 11.65 21.19
CA GLN C 222 22.55 10.78 21.62
C GLN C 222 22.08 9.34 21.66
N ALA C 223 22.97 8.42 21.29
CA ALA C 223 22.69 6.99 21.32
C ALA C 223 23.94 6.26 21.77
N TYR C 224 23.78 5.31 22.69
CA TYR C 224 24.89 4.55 23.24
C TYR C 224 24.58 3.06 23.15
N TYR C 225 25.61 2.28 22.84
CA TYR C 225 25.47 0.84 22.67
C TYR C 225 26.65 0.13 23.32
N ASP C 226 26.57 -1.19 23.37
CA ASP C 226 27.64 -2.02 23.92
C ASP C 226 27.90 -3.22 23.03
N THR D 94 -5.56 -46.98 -35.64
CA THR D 94 -5.93 -45.78 -36.38
C THR D 94 -6.13 -44.60 -35.45
N HIS D 95 -5.38 -43.52 -35.70
CA HIS D 95 -5.46 -42.30 -34.89
C HIS D 95 -5.59 -41.10 -35.80
N ASN D 96 -6.57 -40.25 -35.53
CA ASN D 96 -6.81 -39.03 -36.28
C ASN D 96 -6.82 -37.85 -35.33
N GLN D 97 -6.09 -36.80 -35.69
CA GLN D 97 -6.02 -35.58 -34.88
C GLN D 97 -6.28 -34.38 -35.77
N TRP D 98 -7.36 -33.66 -35.48
CA TRP D 98 -7.74 -32.47 -36.24
C TRP D 98 -7.58 -31.25 -35.35
N ASN D 99 -6.84 -30.26 -35.84
CA ASN D 99 -6.55 -29.04 -35.08
C ASN D 99 -6.75 -27.84 -36.01
N LYS D 100 -7.83 -27.10 -35.81
CA LYS D 100 -8.13 -25.92 -36.60
C LYS D 100 -8.57 -24.78 -35.67
N PRO D 101 -7.63 -24.21 -34.91
CA PRO D 101 -7.97 -23.00 -34.14
C PRO D 101 -8.20 -21.81 -35.06
N SER D 102 -9.05 -20.90 -34.60
CA SER D 102 -9.39 -19.70 -35.36
C SER D 102 -9.15 -18.48 -34.49
N LYS D 103 -8.17 -17.67 -34.89
CA LYS D 103 -7.82 -16.44 -34.19
C LYS D 103 -7.59 -16.64 -32.68
N PRO D 104 -6.61 -17.45 -32.29
CA PRO D 104 -6.28 -17.59 -30.87
C PRO D 104 -5.44 -16.41 -30.40
N LYS D 105 -6.07 -15.51 -29.64
CA LYS D 105 -5.39 -14.33 -29.12
C LYS D 105 -5.03 -14.59 -27.66
N THR D 106 -3.75 -14.82 -27.40
CA THR D 106 -3.26 -15.09 -26.06
C THR D 106 -2.40 -13.92 -25.60
N ASN D 107 -2.78 -13.30 -24.50
CA ASN D 107 -2.06 -12.17 -23.93
C ASN D 107 -1.55 -12.55 -22.54
N LEU D 108 -0.27 -12.29 -22.29
CA LEU D 108 0.37 -12.65 -21.03
C LEU D 108 1.29 -11.51 -20.64
N LYS D 109 0.91 -10.75 -19.61
CA LYS D 109 1.68 -9.58 -19.20
C LYS D 109 2.75 -9.94 -18.16
N HIS D 110 2.32 -10.47 -17.02
CA HIS D 110 3.24 -10.90 -15.96
C HIS D 110 2.78 -12.28 -15.52
N VAL D 111 3.44 -13.32 -16.03
CA VAL D 111 2.96 -14.69 -15.83
C VAL D 111 3.55 -15.27 -14.56
N ALA D 112 4.86 -15.47 -14.55
CA ALA D 112 5.56 -16.06 -13.42
C ALA D 112 6.88 -15.34 -13.17
N GLY D 113 6.90 -14.03 -13.39
CA GLY D 113 8.11 -13.26 -13.21
C GLY D 113 8.28 -12.72 -11.81
N ALA D 114 9.26 -13.25 -11.08
CA ALA D 114 9.58 -12.76 -9.73
C ALA D 114 10.31 -11.42 -9.89
N ALA D 115 9.51 -10.37 -10.04
CA ALA D 115 10.03 -9.03 -10.32
C ALA D 115 9.91 -8.16 -9.07
N ALA D 116 11.02 -7.58 -8.65
CA ALA D 116 11.07 -6.66 -7.51
C ALA D 116 11.12 -5.24 -8.07
N ALA D 117 9.97 -4.57 -8.07
CA ALA D 117 9.84 -3.21 -8.58
C ALA D 117 9.32 -2.33 -7.45
N GLY D 118 10.22 -1.85 -6.61
CA GLY D 118 9.84 -1.01 -5.48
C GLY D 118 11.01 -0.18 -5.02
N ALA D 119 10.68 0.95 -4.42
CA ALA D 119 11.70 1.88 -3.92
C ALA D 119 12.02 1.55 -2.47
N VAL D 120 13.31 1.37 -2.19
CA VAL D 120 13.79 1.07 -0.84
C VAL D 120 14.61 2.27 -0.38
N VAL D 121 13.95 3.21 0.30
CA VAL D 121 14.63 4.37 0.85
C VAL D 121 15.37 4.05 2.14
N GLY D 122 14.89 3.10 2.93
CA GLY D 122 15.58 2.69 4.13
C GLY D 122 16.65 1.65 3.83
N GLY D 123 16.71 0.58 4.61
CA GLY D 123 17.71 -0.45 4.38
C GLY D 123 17.69 -1.50 5.47
N LEU D 124 18.68 -2.40 5.42
CA LEU D 124 18.84 -3.49 6.38
C LEU D 124 17.67 -4.46 6.31
N GLY D 125 17.04 -4.51 5.14
CA GLY D 125 15.89 -5.39 4.95
C GLY D 125 16.00 -6.24 3.70
N GLY D 126 15.83 -7.55 3.85
CA GLY D 126 15.82 -8.45 2.71
C GLY D 126 14.62 -8.22 1.82
N TYR D 127 14.86 -7.67 0.62
CA TYR D 127 13.78 -7.34 -0.30
C TYR D 127 13.66 -8.42 -1.37
N MET D 128 12.49 -9.02 -1.47
CA MET D 128 12.17 -10.03 -2.48
C MET D 128 13.18 -11.18 -2.43
N LEU D 129 13.17 -11.88 -1.30
CA LEU D 129 14.04 -13.04 -1.13
C LEU D 129 13.48 -14.29 -1.78
N GLY D 130 12.20 -14.30 -2.16
CA GLY D 130 11.61 -15.47 -2.77
C GLY D 130 11.84 -15.54 -4.27
N SER D 131 11.46 -16.66 -4.84
CA SER D 131 11.60 -16.94 -6.26
C SER D 131 10.23 -17.22 -6.88
N ALA D 132 10.25 -17.66 -8.13
CA ALA D 132 9.03 -18.03 -8.85
C ALA D 132 9.26 -19.40 -9.49
N MET D 133 8.53 -20.40 -9.02
CA MET D 133 8.66 -21.78 -9.47
C MET D 133 7.30 -22.38 -9.78
N SER D 134 6.47 -21.62 -10.49
CA SER D 134 5.12 -22.05 -10.80
C SER D 134 5.07 -22.74 -12.18
N ARG D 135 3.93 -23.36 -12.46
CA ARG D 135 3.68 -24.03 -13.74
C ARG D 135 2.32 -23.59 -14.25
N PRO D 136 2.22 -22.37 -14.79
CA PRO D 136 0.93 -21.92 -15.35
C PRO D 136 0.60 -22.63 -16.66
N MET D 137 0.18 -23.88 -16.56
CA MET D 137 -0.08 -24.69 -17.74
C MET D 137 -1.37 -24.26 -18.42
N ILE D 138 -1.31 -24.10 -19.75
CA ILE D 138 -2.48 -23.82 -20.57
C ILE D 138 -2.47 -24.82 -21.72
N HIS D 139 -3.59 -25.54 -21.89
CA HIS D 139 -3.73 -26.53 -22.95
C HIS D 139 -4.96 -26.20 -23.77
N PHE D 140 -4.80 -26.22 -25.09
CA PHE D 140 -5.89 -25.96 -26.01
C PHE D 140 -6.00 -26.95 -27.16
N GLY D 141 -4.96 -27.73 -27.45
CA GLY D 141 -4.99 -28.67 -28.55
C GLY D 141 -5.31 -30.08 -28.10
N ASN D 142 -5.31 -30.98 -29.07
CA ASN D 142 -5.60 -32.38 -28.80
C ASN D 142 -4.41 -33.05 -28.12
N ASP D 143 -4.72 -33.99 -27.22
CA ASP D 143 -3.70 -34.73 -26.48
C ASP D 143 -3.99 -36.21 -26.54
N TRP D 144 -2.94 -37.02 -26.52
CA TRP D 144 -3.07 -38.47 -26.54
C TRP D 144 -1.79 -39.08 -26.00
N GLU D 145 -1.89 -39.77 -24.86
CA GLU D 145 -0.72 -40.34 -24.19
C GLU D 145 -1.10 -41.71 -23.65
N ASP D 146 -0.08 -42.53 -23.41
CA ASP D 146 -0.32 -43.90 -22.96
C ASP D 146 0.95 -44.48 -22.33
N ARG D 147 0.76 -45.13 -21.18
CA ARG D 147 1.78 -45.98 -20.56
C ARG D 147 3.07 -45.20 -20.27
N TYR D 148 2.94 -44.04 -19.65
CA TYR D 148 4.09 -43.17 -19.43
C TYR D 148 4.31 -42.91 -17.95
N TYR D 149 5.35 -42.12 -17.67
CA TYR D 149 5.79 -41.75 -16.32
C TYR D 149 6.16 -40.27 -16.38
N ARG D 150 5.18 -39.41 -16.09
CA ARG D 150 5.35 -37.98 -16.36
C ARG D 150 6.28 -37.32 -15.34
N GLU D 151 5.88 -37.32 -14.07
CA GLU D 151 6.63 -36.65 -13.02
C GLU D 151 6.63 -37.50 -11.76
N ASN D 152 7.68 -37.34 -10.96
CA ASN D 152 7.82 -38.09 -9.73
C ASN D 152 8.92 -37.47 -8.88
N MET D 153 8.79 -37.63 -7.57
CA MET D 153 9.81 -37.21 -6.61
C MET D 153 10.12 -35.72 -6.74
N TYR D 154 9.10 -34.93 -7.03
CA TYR D 154 9.28 -33.48 -7.11
C TYR D 154 9.48 -32.90 -5.72
N ARG D 155 10.41 -31.96 -5.61
CA ARG D 155 10.73 -31.31 -4.34
C ARG D 155 10.90 -29.83 -4.59
N TYR D 156 9.95 -29.03 -4.09
CA TYR D 156 9.97 -27.57 -4.22
C TYR D 156 9.77 -26.92 -2.86
N PRO D 157 10.69 -27.12 -1.92
CA PRO D 157 10.53 -26.48 -0.60
C PRO D 157 11.07 -25.05 -0.63
N ASN D 158 10.23 -24.10 -0.25
CA ASN D 158 10.63 -22.70 -0.12
C ASN D 158 11.25 -22.52 1.27
N GLN D 159 12.53 -22.83 1.37
CA GLN D 159 13.26 -22.79 2.64
C GLN D 159 14.00 -21.46 2.73
N VAL D 160 13.51 -20.58 3.60
CA VAL D 160 14.12 -19.27 3.81
C VAL D 160 14.66 -19.22 5.23
N TYR D 161 15.95 -18.92 5.35
CA TYR D 161 16.63 -18.83 6.65
C TYR D 161 16.99 -17.36 6.88
N TYR D 162 16.27 -16.72 7.79
CA TYR D 162 16.45 -15.30 8.10
C TYR D 162 17.13 -15.20 9.46
N ARG D 163 18.45 -14.95 9.45
CA ARG D 163 19.24 -14.85 10.67
C ARG D 163 20.14 -13.62 10.62
N PRO D 164 19.57 -12.42 10.70
CA PRO D 164 20.40 -11.22 10.87
C PRO D 164 20.86 -11.09 12.31
N VAL D 165 22.16 -10.96 12.51
CA VAL D 165 22.72 -10.97 13.86
C VAL D 165 22.61 -9.59 14.50
N ASP D 166 23.28 -8.61 13.91
CA ASP D 166 23.22 -7.24 14.40
C ASP D 166 22.78 -6.31 13.28
N GLN D 167 21.79 -5.48 13.55
CA GLN D 167 21.26 -4.52 12.57
C GLN D 167 20.93 -3.23 13.29
N TYR D 168 21.55 -2.14 12.87
CA TYR D 168 21.39 -0.83 13.52
C TYR D 168 20.97 0.20 12.48
N SER D 169 19.90 0.93 12.78
CA SER D 169 19.44 2.04 11.95
C SER D 169 19.13 3.19 12.90
N ASN D 170 20.06 4.14 13.00
CA ASN D 170 20.01 5.17 14.02
C ASN D 170 20.15 6.55 13.39
N GLN D 171 19.44 7.53 13.98
CA GLN D 171 19.59 8.94 13.64
C GLN D 171 19.36 9.19 12.14
N ASN D 172 18.31 8.58 11.61
CA ASN D 172 18.02 8.63 10.18
C ASN D 172 16.80 9.51 9.92
N ASN D 173 16.88 10.29 8.84
CA ASN D 173 15.78 11.13 8.37
C ASN D 173 15.50 10.76 6.93
N PHE D 174 14.40 10.03 6.70
CA PHE D 174 14.07 9.51 5.38
C PHE D 174 12.80 10.17 4.88
N VAL D 175 12.84 10.66 3.64
CA VAL D 175 11.68 11.26 2.96
C VAL D 175 11.59 10.62 1.58
N HIS D 176 10.39 10.22 1.18
CA HIS D 176 10.24 9.50 -0.08
C HIS D 176 9.81 10.42 -1.24
N ASP D 177 8.63 11.03 -1.15
CA ASP D 177 8.05 11.64 -2.33
C ASP D 177 7.52 13.04 -2.05
N CYS D 178 7.58 13.88 -3.08
CA CYS D 178 6.87 15.15 -3.18
C CYS D 178 6.04 15.12 -4.44
N VAL D 179 4.81 15.62 -4.37
CA VAL D 179 3.91 15.64 -5.52
C VAL D 179 3.15 16.95 -5.54
N ASN D 180 3.34 17.73 -6.62
CA ASN D 180 2.50 18.87 -6.97
C ASN D 180 2.43 19.88 -5.82
N ILE D 181 3.58 20.47 -5.53
CA ILE D 181 3.72 21.52 -4.52
C ILE D 181 3.83 22.84 -5.26
N THR D 182 2.73 23.59 -5.30
CA THR D 182 2.68 24.84 -6.05
C THR D 182 2.22 25.98 -5.14
N ILE D 183 2.69 27.19 -5.47
CA ILE D 183 2.21 28.42 -4.86
C ILE D 183 1.82 29.35 -6.00
N LYS D 184 0.53 29.66 -6.10
CA LYS D 184 -0.01 30.39 -7.23
C LYS D 184 -0.55 31.74 -6.79
N GLN D 185 -0.38 32.75 -7.65
CA GLN D 185 -0.96 34.07 -7.46
C GLN D 185 -1.57 34.48 -8.80
N HIS D 186 -2.83 34.11 -9.00
CA HIS D 186 -3.51 34.31 -10.27
C HIS D 186 -4.34 35.59 -10.22
N THR D 187 -4.18 36.42 -11.26
CA THR D 187 -4.93 37.66 -11.41
C THR D 187 -4.76 38.57 -10.19
N VAL D 188 -3.53 38.99 -9.97
CA VAL D 188 -3.19 39.91 -8.88
C VAL D 188 -3.19 41.31 -9.48
N THR D 189 -4.27 42.04 -9.26
CA THR D 189 -4.43 43.38 -9.79
C THR D 189 -4.37 44.40 -8.66
N THR D 190 -3.56 45.44 -8.84
CA THR D 190 -3.38 46.49 -7.83
C THR D 190 -3.33 47.83 -8.54
N THR D 191 -4.25 48.72 -8.19
CA THR D 191 -4.31 50.07 -8.75
C THR D 191 -4.02 51.07 -7.63
N THR D 192 -2.97 51.86 -7.79
CA THR D 192 -2.59 52.89 -6.83
C THR D 192 -2.59 54.22 -7.56
N LYS D 193 -3.75 54.85 -7.61
CA LYS D 193 -3.93 56.14 -8.26
C LYS D 193 -4.01 57.25 -7.21
N GLY D 194 -3.97 58.48 -7.69
CA GLY D 194 -4.08 59.63 -6.80
C GLY D 194 -3.58 60.88 -7.47
N GLU D 195 -3.59 61.97 -6.69
CA GLU D 195 -3.10 63.26 -7.14
C GLU D 195 -2.34 63.91 -6.00
N ASN D 196 -1.10 64.29 -6.26
CA ASN D 196 -0.23 64.95 -5.27
C ASN D 196 -0.08 64.09 -4.02
N PHE D 197 -0.01 62.78 -4.20
CA PHE D 197 0.17 61.85 -3.10
C PHE D 197 1.65 61.49 -2.97
N THR D 198 1.95 60.57 -2.04
CA THR D 198 3.34 60.16 -1.80
C THR D 198 3.32 58.69 -1.39
N GLU D 199 3.54 57.81 -2.36
CA GLU D 199 3.70 56.39 -2.05
C GLU D 199 5.07 56.14 -1.45
N THR D 200 5.13 55.25 -0.46
CA THR D 200 6.36 55.00 0.29
C THR D 200 6.91 53.61 0.07
N ASP D 201 6.11 52.56 0.31
CA ASP D 201 6.62 51.20 0.20
C ASP D 201 5.50 50.27 -0.25
N VAL D 202 5.75 49.54 -1.34
CA VAL D 202 4.86 48.49 -1.82
C VAL D 202 5.70 47.25 -2.07
N LYS D 203 5.41 46.18 -1.33
CA LYS D 203 6.12 44.91 -1.45
C LYS D 203 5.06 43.83 -1.68
N MET D 204 4.75 43.58 -2.95
CA MET D 204 3.70 42.62 -3.31
C MET D 204 4.08 41.19 -2.92
N MET D 205 5.38 40.90 -2.77
CA MET D 205 5.85 39.65 -2.20
C MET D 205 6.90 39.95 -1.14
N GLU D 206 7.02 39.05 -0.15
CA GLU D 206 8.00 39.22 0.92
C GLU D 206 8.30 37.84 1.51
N ARG D 207 9.44 37.26 1.09
CA ARG D 207 9.97 35.99 1.60
C ARG D 207 8.85 34.98 1.89
N VAL D 208 8.05 34.73 0.86
CA VAL D 208 6.80 33.99 1.05
C VAL D 208 7.06 32.57 1.53
N VAL D 209 8.12 31.94 1.05
CA VAL D 209 8.45 30.57 1.43
C VAL D 209 9.95 30.46 1.66
N GLU D 210 10.34 29.69 2.67
CA GLU D 210 11.75 29.41 2.94
C GLU D 210 12.18 28.07 2.36
N GLN D 211 11.49 27.00 2.73
CA GLN D 211 11.72 25.67 2.18
C GLN D 211 10.39 25.04 1.82
N MET D 212 10.41 24.12 0.84
CA MET D 212 9.20 23.53 0.32
C MET D 212 9.10 22.03 0.63
N CYS D 213 10.07 21.22 0.17
CA CYS D 213 9.98 19.78 0.34
C CYS D 213 10.73 19.27 1.57
N VAL D 214 12.04 19.45 1.62
CA VAL D 214 12.87 18.79 2.61
C VAL D 214 13.83 19.81 3.20
N THR D 215 13.88 19.87 4.53
CA THR D 215 14.85 20.66 5.28
C THR D 215 15.56 19.77 6.29
N GLN D 216 16.01 18.61 5.83
CA GLN D 216 16.61 17.62 6.71
C GLN D 216 17.87 18.17 7.35
N TYR D 217 17.86 18.28 8.68
CA TYR D 217 18.98 18.76 9.45
C TYR D 217 19.51 17.65 10.35
N GLN D 218 20.83 17.57 10.46
CA GLN D 218 21.51 16.61 11.33
C GLN D 218 22.55 17.40 12.12
N LYS D 219 22.14 17.96 13.25
CA LYS D 219 22.95 18.89 14.02
C LYS D 219 23.34 18.27 15.35
N GLU D 220 24.65 18.18 15.59
CA GLU D 220 25.19 17.75 16.87
C GLU D 220 24.65 16.38 17.29
N SER D 221 24.46 15.50 16.33
CA SER D 221 23.97 14.16 16.59
C SER D 221 25.15 13.23 16.87
N GLN D 222 25.11 12.54 18.01
CA GLN D 222 26.19 11.68 18.45
C GLN D 222 25.73 10.24 18.50
N ALA D 223 26.63 9.32 18.14
CA ALA D 223 26.35 7.90 18.19
C ALA D 223 27.61 7.17 18.64
N TYR D 224 27.44 6.22 19.57
CA TYR D 224 28.56 5.48 20.13
C TYR D 224 28.26 3.98 20.04
N TYR D 225 29.29 3.20 19.74
CA TYR D 225 29.16 1.76 19.59
C TYR D 225 30.34 1.06 20.24
N ASP D 226 30.27 -0.26 20.30
CA ASP D 226 31.33 -1.07 20.86
C ASP D 226 31.62 -2.28 19.98
N THR E 94 -21.47 -48.13 -24.80
CA THR E 94 -21.83 -46.89 -25.50
C THR E 94 -22.00 -45.74 -24.52
N HIS E 95 -21.23 -44.66 -24.75
CA HIS E 95 -21.28 -43.48 -23.90
C HIS E 95 -21.38 -42.24 -24.77
N ASN E 96 -22.35 -41.38 -24.46
CA ASN E 96 -22.56 -40.14 -25.18
C ASN E 96 -22.55 -38.98 -24.18
N GLN E 97 -21.81 -37.93 -24.51
CA GLN E 97 -21.69 -36.75 -23.66
C GLN E 97 -21.94 -35.52 -24.51
N TRP E 98 -23.00 -34.78 -24.19
CA TRP E 98 -23.37 -33.56 -24.91
C TRP E 98 -23.17 -32.37 -23.98
N ASN E 99 -22.41 -31.38 -24.45
CA ASN E 99 -22.10 -30.19 -23.65
C ASN E 99 -22.27 -28.96 -24.53
N LYS E 100 -23.34 -28.21 -24.31
CA LYS E 100 -23.62 -26.99 -25.06
C LYS E 100 -24.02 -25.87 -24.09
N PRO E 101 -23.08 -25.34 -23.32
CA PRO E 101 -23.39 -24.16 -22.50
C PRO E 101 -23.60 -22.94 -23.39
N SER E 102 -24.42 -22.02 -22.89
CA SER E 102 -24.76 -20.79 -23.62
C SER E 102 -24.47 -19.60 -22.71
N LYS E 103 -23.48 -18.79 -23.08
CA LYS E 103 -23.10 -17.59 -22.34
C LYS E 103 -22.87 -17.85 -20.85
N PRO E 104 -21.90 -18.71 -20.49
CA PRO E 104 -21.57 -18.89 -19.07
C PRO E 104 -20.70 -17.75 -18.57
N LYS E 105 -21.30 -16.86 -17.78
CA LYS E 105 -20.61 -15.70 -17.22
C LYS E 105 -20.25 -16.02 -15.77
N THR E 106 -18.97 -16.29 -15.53
CA THR E 106 -18.48 -16.61 -14.20
C THR E 106 -17.59 -15.48 -13.71
N ASN E 107 -17.96 -14.88 -12.57
CA ASN E 107 -17.21 -13.79 -11.97
C ASN E 107 -16.71 -14.23 -10.62
N LEU E 108 -15.41 -14.00 -10.36
CA LEU E 108 -14.78 -14.41 -9.11
C LEU E 108 -13.83 -13.31 -8.69
N LYS E 109 -14.19 -12.56 -7.64
CA LYS E 109 -13.40 -11.43 -7.19
C LYS E 109 -12.34 -11.84 -6.17
N HIS E 110 -12.76 -12.40 -5.04
CA HIS E 110 -11.85 -12.89 -4.01
C HIS E 110 -12.33 -14.28 -3.60
N VAL E 111 -11.70 -15.30 -4.15
CA VAL E 111 -12.21 -16.66 -3.99
C VAL E 111 -11.63 -17.31 -2.74
N ALA E 112 -10.31 -17.52 -2.75
CA ALA E 112 -9.62 -18.17 -1.63
C ALA E 112 -8.29 -17.49 -1.38
N GLY E 113 -8.25 -16.17 -1.55
CA GLY E 113 -7.02 -15.44 -1.36
C GLY E 113 -6.83 -14.94 0.06
N ALA E 114 -5.85 -15.52 0.77
CA ALA E 114 -5.52 -15.07 2.12
C ALA E 114 -4.77 -13.75 2.01
N ALA E 115 -5.54 -12.67 1.90
CA ALA E 115 -5.00 -11.34 1.66
C ALA E 115 -5.10 -10.52 2.93
N ALA E 116 -3.97 -9.97 3.37
CA ALA E 116 -3.90 -9.09 4.54
C ALA E 116 -3.83 -7.66 4.03
N ALA E 117 -4.96 -6.95 4.06
CA ALA E 117 -5.06 -5.57 3.59
C ALA E 117 -5.56 -4.73 4.76
N GLY E 118 -4.65 -4.29 5.61
CA GLY E 118 -5.01 -3.48 6.75
C GLY E 118 -3.81 -2.69 7.24
N ALA E 119 -4.11 -1.56 7.89
CA ALA E 119 -3.08 -0.69 8.41
C ALA E 119 -2.75 -1.06 9.85
N VAL E 120 -1.47 -1.29 10.11
CA VAL E 120 -0.99 -1.64 11.44
C VAL E 120 -0.15 -0.46 11.94
N VAL E 121 -0.78 0.46 12.65
CA VAL E 121 -0.07 1.59 13.23
C VAL E 121 0.67 1.22 14.51
N GLY E 122 0.17 0.25 15.27
CA GLY E 122 0.87 -0.22 16.45
C GLY E 122 1.90 -1.26 16.12
N GLY E 123 1.95 -2.36 16.87
CA GLY E 123 2.92 -3.40 16.60
C GLY E 123 2.89 -4.48 17.65
N LEU E 124 3.86 -5.40 17.55
CA LEU E 124 4.00 -6.52 18.49
C LEU E 124 2.81 -7.46 18.39
N GLY E 125 2.16 -7.47 17.22
CA GLY E 125 1.01 -8.31 17.01
C GLY E 125 1.09 -9.13 15.73
N GLY E 126 0.89 -10.44 15.85
CA GLY E 126 0.86 -11.30 14.68
C GLY E 126 -0.34 -11.01 13.79
N TYR E 127 -0.10 -10.45 12.62
CA TYR E 127 -1.17 -10.06 11.71
C TYR E 127 -1.31 -11.09 10.61
N MET E 128 -2.51 -11.67 10.50
CA MET E 128 -2.84 -12.63 9.45
C MET E 128 -1.86 -13.81 9.46
N LEU E 129 -1.88 -14.55 10.57
CA LEU E 129 -1.04 -15.72 10.70
C LEU E 129 -1.62 -16.95 10.01
N GLY E 130 -2.89 -16.91 9.64
CA GLY E 130 -3.52 -18.05 8.99
C GLY E 130 -3.29 -18.08 7.49
N SER E 131 -3.71 -19.18 6.89
CA SER E 131 -3.56 -19.40 5.45
C SER E 131 -4.95 -19.63 4.84
N ALA E 132 -4.95 -20.05 3.57
CA ALA E 132 -6.18 -20.37 2.85
C ALA E 132 -5.98 -21.71 2.17
N MET E 133 -6.73 -22.72 2.60
CA MET E 133 -6.62 -24.09 2.10
C MET E 133 -8.00 -24.64 1.79
N SER E 134 -8.82 -23.85 1.10
CA SER E 134 -10.18 -24.24 0.78
C SER E 134 -10.25 -24.88 -0.61
N ARG E 135 -11.40 -25.46 -0.91
CA ARG E 135 -11.67 -26.07 -2.21
C ARG E 135 -13.02 -25.60 -2.71
N PRO E 136 -13.11 -24.36 -3.20
CA PRO E 136 -14.39 -23.88 -3.73
C PRO E 136 -14.73 -24.53 -5.07
N MET E 137 -15.19 -25.78 -5.00
CA MET E 137 -15.46 -26.54 -6.21
C MET E 137 -16.75 -26.06 -6.87
N ILE E 138 -16.69 -25.86 -8.19
CA ILE E 138 -17.86 -25.53 -9.00
C ILE E 138 -17.88 -26.49 -10.18
N HIS E 139 -19.00 -27.18 -10.36
CA HIS E 139 -19.17 -28.14 -11.45
C HIS E 139 -20.39 -27.76 -12.26
N PHE E 140 -20.24 -27.73 -13.58
CA PHE E 140 -21.34 -27.42 -14.49
C PHE E 140 -21.47 -28.38 -15.67
N GLY E 141 -20.44 -29.16 -15.98
CA GLY E 141 -20.50 -30.07 -17.11
C GLY E 141 -20.85 -31.48 -16.71
N ASN E 142 -20.88 -32.36 -17.71
CA ASN E 142 -21.19 -33.76 -17.49
C ASN E 142 -20.02 -34.47 -16.83
N ASP E 143 -20.33 -35.44 -15.97
CA ASP E 143 -19.32 -36.20 -15.26
C ASP E 143 -19.65 -37.69 -15.36
N TRP E 144 -18.61 -38.52 -15.37
CA TRP E 144 -18.78 -39.98 -15.43
C TRP E 144 -17.50 -40.61 -14.91
N GLU E 145 -17.61 -41.34 -13.81
CA GLU E 145 -16.46 -41.96 -13.16
C GLU E 145 -16.85 -43.34 -12.65
N ASP E 146 -15.85 -44.18 -12.45
CA ASP E 146 -16.12 -45.56 -12.05
C ASP E 146 -14.86 -46.19 -11.44
N ARG E 147 -15.06 -46.88 -10.32
CA ARG E 147 -14.04 -47.76 -9.72
C ARG E 147 -12.74 -47.02 -9.43
N TYR E 148 -12.85 -45.88 -8.76
CA TYR E 148 -11.68 -45.04 -8.52
C TYR E 148 -11.45 -44.84 -7.03
N TYR E 149 -10.38 -44.07 -6.73
CA TYR E 149 -9.94 -43.76 -5.37
C TYR E 149 -9.55 -42.29 -5.38
N ARG E 150 -10.50 -41.41 -5.07
CA ARG E 150 -10.29 -39.98 -5.28
C ARG E 150 -9.36 -39.37 -4.25
N GLU E 151 -9.75 -39.41 -2.98
CA GLU E 151 -8.99 -38.78 -1.91
C GLU E 151 -8.98 -39.67 -0.69
N ASN E 152 -7.94 -39.55 0.12
CA ASN E 152 -7.81 -40.35 1.32
C ASN E 152 -6.68 -39.79 2.18
N MET E 153 -6.81 -39.99 3.50
CA MET E 153 -5.78 -39.61 4.46
C MET E 153 -5.44 -38.12 4.37
N TYR E 154 -6.45 -37.30 4.12
CA TYR E 154 -6.25 -35.86 4.08
C TYR E 154 -6.02 -35.33 5.49
N ARG E 155 -5.07 -34.40 5.63
CA ARG E 155 -4.73 -33.81 6.91
C ARG E 155 -4.54 -32.32 6.72
N TYR E 156 -5.47 -31.52 7.24
CA TYR E 156 -5.41 -30.07 7.15
C TYR E 156 -5.60 -29.46 8.54
N PRO E 157 -4.67 -29.70 9.47
CA PRO E 157 -4.82 -29.10 10.80
C PRO E 157 -4.25 -27.69 10.83
N ASN E 158 -5.07 -26.73 11.24
CA ASN E 158 -4.63 -25.35 11.41
C ASN E 158 -4.01 -25.21 12.80
N GLN E 159 -2.73 -25.56 12.88
CA GLN E 159 -2.00 -25.57 14.15
C GLN E 159 -1.24 -24.26 14.28
N VAL E 160 -1.69 -23.40 15.18
CA VAL E 160 -1.07 -22.10 15.43
C VAL E 160 -0.51 -22.12 16.85
N TYR E 161 0.79 -21.85 16.97
CA TYR E 161 1.47 -21.81 18.26
C TYR E 161 1.87 -20.37 18.55
N TYR E 162 1.16 -19.73 19.48
CA TYR E 162 1.38 -18.34 19.83
C TYR E 162 2.07 -18.29 21.20
N ARG E 163 3.38 -18.08 21.18
CA ARG E 163 4.18 -18.02 22.41
C ARG E 163 5.10 -16.81 22.40
N PRO E 164 4.56 -15.60 22.51
CA PRO E 164 5.42 -14.42 22.71
C PRO E 164 5.88 -14.35 24.15
N VAL E 165 7.19 -14.27 24.36
CA VAL E 165 7.75 -14.33 25.71
C VAL E 165 7.67 -12.97 26.38
N ASP E 166 8.36 -11.97 25.82
CA ASP E 166 8.34 -10.62 26.36
C ASP E 166 7.91 -9.65 25.27
N GLN E 167 6.93 -8.80 25.57
CA GLN E 167 6.42 -7.81 24.64
C GLN E 167 6.12 -6.54 25.40
N TYR E 168 6.76 -5.44 25.01
CA TYR E 168 6.63 -4.17 25.69
C TYR E 168 6.23 -3.08 24.70
N SER E 169 5.18 -2.34 25.02
CA SER E 169 4.73 -1.20 24.23
C SER E 169 4.45 -0.07 25.22
N ASN E 170 5.40 0.86 25.35
CA ASN E 170 5.37 1.86 26.40
C ASN E 170 5.54 3.25 25.81
N GLN E 171 4.87 4.22 26.44
CA GLN E 171 5.04 5.65 26.14
C GLN E 171 4.81 5.94 24.66
N ASN E 172 3.74 5.38 24.11
CA ASN E 172 3.44 5.48 22.69
C ASN E 172 2.24 6.38 22.45
N ASN E 173 2.33 7.21 21.40
CA ASN E 173 1.25 8.08 20.97
C ASN E 173 0.95 7.76 19.51
N PHE E 174 -0.16 7.06 19.27
CA PHE E 174 -0.52 6.60 17.93
C PHE E 174 -1.77 7.30 17.46
N VAL E 175 -1.73 7.83 16.23
CA VAL E 175 -2.87 8.47 15.59
C VAL E 175 -2.98 7.88 14.18
N HIS E 176 -4.18 7.51 13.77
CA HIS E 176 -4.37 6.85 12.49
C HIS E 176 -4.78 7.80 11.37
N ASP E 177 -5.95 8.43 11.49
CA ASP E 177 -6.52 9.10 10.33
C ASP E 177 -7.02 10.49 10.66
N CYS E 178 -6.93 11.36 9.65
CA CYS E 178 -7.63 12.65 9.60
C CYS E 178 -8.47 12.68 8.34
N VAL E 179 -9.69 13.21 8.44
CA VAL E 179 -10.59 13.27 7.29
C VAL E 179 -11.32 14.62 7.32
N ASN E 180 -11.13 15.41 6.25
CA ASN E 180 -11.94 16.59 5.96
C ASN E 180 -11.98 17.56 7.14
N ILE E 181 -10.81 18.12 7.44
CA ILE E 181 -10.66 19.13 8.48
C ILE E 181 -10.52 20.47 7.78
N THR E 182 -11.60 21.25 7.77
CA THR E 182 -11.63 22.52 7.07
C THR E 182 -12.06 23.64 8.01
N ILE E 183 -11.57 24.84 7.72
CA ILE E 183 -12.02 26.06 8.37
C ILE E 183 -12.39 27.03 7.26
N LYS E 184 -13.68 27.38 7.18
CA LYS E 184 -14.21 28.16 6.07
C LYS E 184 -14.72 29.50 6.57
N GLN E 185 -14.53 30.53 5.74
CA GLN E 185 -15.09 31.87 5.97
C GLN E 185 -15.70 32.32 4.65
N HIS E 186 -16.96 31.99 4.44
CA HIS E 186 -17.65 32.25 3.18
C HIS E 186 -18.44 33.54 3.28
N THR E 187 -18.26 34.40 2.26
CA THR E 187 -19.00 35.66 2.15
C THR E 187 -18.81 36.52 3.41
N VAL E 188 -17.56 36.91 3.64
CA VAL E 188 -17.20 37.78 4.75
C VAL E 188 -17.16 39.20 4.19
N THR E 189 -18.23 39.96 4.44
CA THR E 189 -18.37 41.33 3.95
C THR E 189 -18.28 42.29 5.13
N THR E 190 -17.46 43.32 4.97
CA THR E 190 -17.26 44.33 6.01
C THR E 190 -17.18 45.69 5.34
N THR E 191 -18.08 46.59 5.73
CA THR E 191 -18.11 47.96 5.22
C THR E 191 -17.80 48.91 6.36
N THR E 192 -16.73 49.68 6.23
CA THR E 192 -16.32 50.67 7.22
C THR E 192 -16.30 52.04 6.52
N LYS E 193 -17.46 52.69 6.50
CA LYS E 193 -17.61 54.00 5.90
C LYS E 193 -17.66 55.07 6.97
N GLY E 194 -17.59 56.33 6.55
CA GLY E 194 -17.67 57.43 7.47
C GLY E 194 -17.15 58.71 6.84
N GLU E 195 -17.14 59.76 7.65
CA GLU E 195 -16.63 61.07 7.24
C GLU E 195 -15.85 61.66 8.41
N ASN E 196 -14.59 62.03 8.15
CA ASN E 196 -13.72 62.63 9.16
C ASN E 196 -13.57 61.73 10.38
N PHE E 197 -13.53 60.42 10.15
CA PHE E 197 -13.36 59.44 11.22
C PHE E 197 -11.89 59.06 11.33
N THR E 198 -11.61 58.10 12.22
CA THR E 198 -10.23 57.66 12.45
C THR E 198 -10.27 56.18 12.81
N GLU E 199 -10.07 55.32 11.82
CA GLU E 199 -9.94 53.89 12.07
C GLU E 199 -8.57 53.59 12.66
N THR E 200 -8.53 52.68 13.63
CA THR E 200 -7.30 52.37 14.35
C THR E 200 -6.77 50.97 14.09
N ASP E 201 -7.59 49.94 14.29
CA ASP E 201 -7.12 48.57 14.14
C ASP E 201 -8.25 47.68 13.67
N VAL E 202 -8.02 46.99 12.55
CA VAL E 202 -8.95 45.98 12.04
C VAL E 202 -8.14 44.73 11.75
N LYS E 203 -8.44 43.64 12.46
CA LYS E 203 -7.76 42.35 12.29
C LYS E 203 -8.83 41.31 12.03
N MET E 204 -9.16 41.10 10.75
CA MET E 204 -10.22 40.17 10.37
C MET E 204 -9.88 38.72 10.71
N MET E 205 -8.59 38.41 10.85
CA MET E 205 -8.13 37.13 11.38
C MET E 205 -7.07 37.37 12.44
N GLU E 206 -6.98 36.43 13.39
CA GLU E 206 -5.98 36.54 14.46
C GLU E 206 -5.71 35.14 15.00
N ARG E 207 -4.59 34.56 14.57
CA ARG E 207 -4.08 33.26 15.03
C ARG E 207 -5.21 32.27 15.30
N VAL E 208 -6.03 32.07 14.26
CA VAL E 208 -7.29 31.35 14.43
C VAL E 208 -7.06 29.91 14.87
N VAL E 209 -6.01 29.26 14.36
CA VAL E 209 -5.71 27.88 14.69
C VAL E 209 -4.21 27.74 14.91
N GLU E 210 -3.83 26.92 15.89
CA GLU E 210 -2.43 26.61 16.14
C GLU E 210 -2.03 25.28 15.52
N GLN E 211 -2.74 24.20 15.87
CA GLN E 211 -2.53 22.89 15.27
C GLN E 211 -3.89 22.30 14.90
N MET E 212 -3.88 21.42 13.89
CA MET E 212 -5.12 20.86 13.36
C MET E 212 -5.24 19.36 13.61
N CYS E 213 -4.29 18.56 13.13
CA CYS E 213 -4.41 17.11 13.25
C CYS E 213 -3.67 16.54 14.45
N VAL E 214 -2.36 16.69 14.50
CA VAL E 214 -1.53 15.98 15.47
C VAL E 214 -0.54 16.96 16.08
N THR E 215 -0.49 16.97 17.41
CA THR E 215 0.49 17.72 18.19
C THR E 215 1.19 16.79 19.18
N GLN E 216 1.62 15.64 18.67
CA GLN E 216 2.21 14.60 19.50
C GLN E 216 3.48 15.11 20.17
N TYR E 217 3.47 15.17 21.50
CA TYR E 217 4.62 15.60 22.28
C TYR E 217 5.12 14.46 23.13
N GLN E 218 6.44 14.34 23.24
CA GLN E 218 7.09 13.34 24.08
C GLN E 218 8.15 14.08 24.88
N LYS E 219 7.76 14.63 26.04
CA LYS E 219 8.60 15.51 26.82
C LYS E 219 8.98 14.84 28.13
N GLU E 220 10.29 14.71 28.36
CA GLU E 220 10.83 14.22 29.63
C GLU E 220 10.26 12.87 30.01
N SER E 221 10.05 12.01 29.01
CA SER E 221 9.54 10.66 29.25
C SER E 221 10.69 9.71 29.48
N GLN E 222 10.64 8.99 30.60
CA GLN E 222 11.71 8.10 31.01
C GLN E 222 11.22 6.66 31.01
N ALA E 223 12.09 5.73 30.62
CA ALA E 223 11.80 4.31 30.62
C ALA E 223 13.03 3.55 31.05
N TYR E 224 12.85 2.58 31.94
CA TYR E 224 13.95 1.79 32.47
C TYR E 224 13.62 0.30 32.34
N TYR E 225 14.64 -0.49 32.00
CA TYR E 225 14.48 -1.92 31.81
C TYR E 225 15.64 -2.66 32.43
N ASP E 226 15.55 -3.99 32.45
CA ASP E 226 16.60 -4.83 32.98
C ASP E 226 16.85 -6.02 32.06
#